data_6D06
#
_entry.id   6D06
#
_cell.length_a   174.680
_cell.length_b   63.440
_cell.length_c   132.060
_cell.angle_alpha   90.00
_cell.angle_beta   126.64
_cell.angle_gamma   90.00
#
_symmetry.space_group_name_H-M   'C 1 2 1'
#
loop_
_entity.id
_entity.type
_entity.pdbx_description
1 polymer 'Double-stranded RNA-specific editase 1'
2 polymer "RNA (5'-R(*GP*CP*UP*CP*GP*CP*GP*AP*UP*GP*CP*UP*(8AZ)P*GP*AP*GP*GP*GP*CP*UP*CP*UP*G)-3')"
3 polymer "RNA (5'-R(*CP*AP*GP*AP*GP*CP*CP*CP*CP*CP*NP*AP*GP*CP*AP*UP*CP*GP*CP*GP*AP*GP*C)-3')"
4 non-polymer 'INOSITOL HEXAKISPHOSPHATE'
5 non-polymer 'ZINC ION'
6 water water
#
loop_
_entity_poly.entity_id
_entity_poly.type
_entity_poly.pdbx_seq_one_letter_code
_entity_poly.pdbx_strand_id
1 'polypeptide(L)'
;LHLDQTPSRQPIPSEGLQLHLPQVLADAVSRLVLGKFGDLTDNFSSPHARRKVLAGVVMTTGTDVKDAKVISVSTGTKCI
NGEYMSDRGLALNDCHAEIISRRSLLRFLYTQLELYLNNKDDQKRSIFQKSERGGFRLKENVQFHLYISTSPCGDARIFS
PHEPILEEPADRHPNRKARGQLRTKIESGYGTIPVRSNASIQTWDGVLQGERLLTMSCSDKIARWNVVGIQGSLLSIFVE
PIYFSSIILGSLYHGDHLSRAMYQRISNIEDLPPLYTLNKPLLSGISNAEARQPGKAPNFSVNWTVGDSAIEVINATTGK
DELGRASRLCKHALYCRWMRVHGKVPSHLLRSKITKPNVYHESKLAAKEYQAAKARLFTAFIKAGLGAWVEKPTEQDQFS
LTP
;
A,D
2 'polyribonucleotide' GCUCGCGAUGCU(8AZ)GAGGGCUCUG B
3 'polyribonucleotide' CAGAGCCCCC(N)AGCAUCGCGAGC C
#
loop_
_chem_comp.id
_chem_comp.type
_chem_comp.name
_chem_comp.formula
8AZ RNA linking 8-aza-nebularine-5'-monophosphate 'C9 H14 N5 O8 P'
A RNA linking ADENOSINE-5'-MONOPHOSPHATE 'C10 H14 N5 O7 P'
C RNA linking CYTIDINE-5'-MONOPHOSPHATE 'C9 H14 N3 O8 P'
G RNA linking GUANOSINE-5'-MONOPHOSPHATE 'C10 H14 N5 O8 P'
IHP non-polymer 'INOSITOL HEXAKISPHOSPHATE' 'C6 H18 O24 P6'
N RNA linking 'ANY 5'-MONOPHOSPHATE NUCLEOTIDE' 'C5 H11 O7 P'
U RNA linking URIDINE-5'-MONOPHOSPHATE 'C9 H13 N2 O9 P'
ZN non-polymer 'ZINC ION' 'Zn 2'
#
# COMPACT_ATOMS: atom_id res chain seq x y z
N LEU A 19 -37.11 24.79 -16.53
CA LEU A 19 -36.33 23.96 -15.55
C LEU A 19 -37.21 23.26 -14.47
N HIS A 20 -38.52 23.57 -14.41
CA HIS A 20 -39.50 22.78 -13.65
C HIS A 20 -39.66 21.33 -14.18
N LEU A 21 -39.34 21.07 -15.46
CA LEU A 21 -39.38 19.71 -16.06
C LEU A 21 -38.04 18.96 -15.97
N PRO A 22 -38.07 17.61 -15.74
CA PRO A 22 -36.82 16.87 -15.55
C PRO A 22 -35.95 16.76 -16.81
N GLN A 23 -36.58 16.45 -17.95
CA GLN A 23 -35.87 16.37 -19.22
C GLN A 23 -35.27 17.67 -19.66
N VAL A 24 -35.96 18.78 -19.38
CA VAL A 24 -35.42 20.12 -19.74
C VAL A 24 -34.20 20.44 -18.92
N LEU A 25 -34.28 20.17 -17.61
CA LEU A 25 -33.13 20.32 -16.72
C LEU A 25 -31.93 19.49 -17.19
N ALA A 26 -32.19 18.22 -17.44
CA ALA A 26 -31.16 17.29 -17.86
C ALA A 26 -30.45 17.77 -19.09
N ASP A 27 -31.21 18.05 -20.14
CA ASP A 27 -30.68 18.64 -21.39
C ASP A 27 -29.99 19.97 -21.16
N ALA A 28 -30.49 20.78 -20.24
CA ALA A 28 -29.84 22.06 -19.97
C ALA A 28 -28.48 21.88 -19.31
N VAL A 29 -28.38 21.05 -18.26
CA VAL A 29 -27.07 20.84 -17.63
C VAL A 29 -26.09 20.26 -18.64
N SER A 30 -26.52 19.38 -19.55
CA SER A 30 -25.55 18.85 -20.53
C SER A 30 -25.04 19.98 -21.41
N ARG A 31 -25.97 20.77 -21.92
CA ARG A 31 -25.66 21.89 -22.82
CA ARG A 31 -25.65 21.88 -22.82
C ARG A 31 -24.68 22.87 -22.14
N LEU A 32 -24.91 23.16 -20.87
CA LEU A 32 -24.08 24.10 -20.12
C LEU A 32 -22.65 23.60 -19.90
N VAL A 33 -22.51 22.35 -19.51
CA VAL A 33 -21.19 21.78 -19.20
C VAL A 33 -20.37 21.66 -20.45
N LEU A 34 -21.06 21.22 -21.51
CA LEU A 34 -20.42 21.09 -22.81
C LEU A 34 -19.96 22.49 -23.27
N GLY A 35 -20.90 23.44 -23.25
CA GLY A 35 -20.59 24.83 -23.58
C GLY A 35 -19.36 25.34 -22.87
N LYS A 36 -19.31 25.13 -21.56
CA LYS A 36 -18.23 25.66 -20.77
C LYS A 36 -16.91 25.01 -21.14
N PHE A 37 -16.99 23.72 -21.46
CA PHE A 37 -15.82 22.97 -21.85
C PHE A 37 -15.27 23.57 -23.14
N GLY A 38 -16.17 23.91 -24.04
CA GLY A 38 -15.76 24.58 -25.27
C GLY A 38 -15.03 25.91 -25.00
N ASP A 39 -15.63 26.77 -24.17
CA ASP A 39 -15.04 28.10 -23.92
C ASP A 39 -13.62 27.98 -23.37
N LEU A 40 -13.36 26.96 -22.55
CA LEU A 40 -12.03 26.79 -21.92
C LEU A 40 -10.96 26.15 -22.78
N THR A 41 -11.33 25.65 -23.95
CA THR A 41 -10.44 24.88 -24.84
C THR A 41 -10.40 25.51 -26.25
N ASP A 42 -10.50 26.84 -26.34
CA ASP A 42 -10.34 27.56 -27.61
C ASP A 42 -11.39 26.99 -28.56
N ASN A 43 -12.63 27.02 -28.11
CA ASN A 43 -13.72 26.34 -28.76
C ASN A 43 -13.41 24.94 -29.30
N PHE A 44 -13.17 24.00 -28.39
CA PHE A 44 -12.99 22.58 -28.74
C PHE A 44 -11.81 22.26 -29.67
N SER A 45 -10.94 23.21 -29.93
CA SER A 45 -9.84 22.98 -30.85
C SER A 45 -8.48 22.91 -30.17
N SER A 46 -8.39 23.34 -28.90
CA SER A 46 -7.18 23.14 -28.07
C SER A 46 -6.82 21.66 -27.93
N PRO A 47 -5.52 21.33 -27.82
CA PRO A 47 -5.13 19.91 -27.66
C PRO A 47 -5.72 19.21 -26.44
N HIS A 48 -6.11 19.99 -25.44
CA HIS A 48 -6.74 19.49 -24.22
C HIS A 48 -8.25 19.38 -24.33
N ALA A 49 -8.78 19.64 -25.51
CA ALA A 49 -10.18 19.33 -25.82
C ALA A 49 -10.35 17.83 -26.05
N ARG A 50 -9.26 17.18 -26.38
CA ARG A 50 -9.24 15.75 -26.57
C ARG A 50 -9.60 15.02 -25.26
N ARG A 51 -10.62 14.17 -25.32
CA ARG A 51 -11.14 13.53 -24.14
C ARG A 51 -11.96 12.30 -24.46
N LYS A 52 -12.04 11.36 -23.52
CA LYS A 52 -12.96 10.26 -23.67
C LYS A 52 -14.23 10.46 -22.87
N VAL A 53 -14.11 11.06 -21.68
CA VAL A 53 -15.27 11.35 -20.78
C VAL A 53 -15.13 12.75 -20.19
N LEU A 54 -16.25 13.43 -20.21
CA LEU A 54 -16.40 14.77 -19.69
C LEU A 54 -17.39 14.72 -18.55
N ALA A 55 -17.18 15.59 -17.59
CA ALA A 55 -18.11 15.75 -16.49
C ALA A 55 -18.10 17.18 -15.98
N GLY A 56 -19.13 17.52 -15.26
CA GLY A 56 -19.15 18.81 -14.57
C GLY A 56 -20.27 18.90 -13.57
N VAL A 57 -20.24 20.00 -12.84
CA VAL A 57 -21.31 20.35 -11.90
C VAL A 57 -21.94 21.69 -12.26
N VAL A 58 -23.25 21.78 -12.06
CA VAL A 58 -24.03 22.94 -12.38
C VAL A 58 -24.75 23.31 -11.11
N MET A 59 -24.90 24.60 -10.84
CA MET A 59 -25.66 25.05 -9.68
C MET A 59 -26.89 25.79 -10.15
N THR A 60 -28.04 25.53 -9.54
CA THR A 60 -29.26 26.28 -9.81
C THR A 60 -29.70 26.98 -8.49
N THR A 61 -30.12 28.24 -8.60
CA THR A 61 -30.52 29.05 -7.43
C THR A 61 -31.98 29.47 -7.57
N GLY A 62 -32.82 28.60 -8.10
CA GLY A 62 -34.18 28.96 -8.55
C GLY A 62 -34.37 28.51 -9.99
N THR A 63 -35.61 28.53 -10.48
CA THR A 63 -35.99 27.74 -11.66
C THR A 63 -35.72 28.37 -13.04
N ASP A 64 -35.33 29.64 -13.10
CA ASP A 64 -34.98 30.26 -14.38
C ASP A 64 -33.71 29.60 -14.91
N VAL A 65 -33.73 29.21 -16.19
CA VAL A 65 -32.51 28.78 -16.91
C VAL A 65 -31.30 29.71 -16.70
N LYS A 66 -31.54 31.03 -16.59
CA LYS A 66 -30.48 32.01 -16.30
C LYS A 66 -29.88 31.94 -14.88
N ASP A 67 -30.64 31.41 -13.92
CA ASP A 67 -30.13 31.22 -12.56
C ASP A 67 -29.11 30.07 -12.48
N ALA A 68 -29.09 29.19 -13.50
CA ALA A 68 -28.16 28.03 -13.57
C ALA A 68 -26.74 28.43 -13.96
N LYS A 69 -25.74 27.87 -13.28
CA LYS A 69 -24.34 28.29 -13.40
C LYS A 69 -23.43 27.05 -13.37
N VAL A 70 -22.44 27.00 -14.26
CA VAL A 70 -21.46 25.94 -14.29
C VAL A 70 -20.40 26.19 -13.23
N ILE A 71 -20.31 25.28 -12.26
CA ILE A 71 -19.33 25.37 -11.16
C ILE A 71 -18.00 24.71 -11.51
N SER A 72 -18.08 23.56 -12.16
CA SER A 72 -16.87 22.83 -12.50
C SER A 72 -17.01 22.02 -13.76
N VAL A 73 -15.84 21.74 -14.36
CA VAL A 73 -15.70 20.94 -15.56
C VAL A 73 -14.50 20.03 -15.40
N SER A 74 -14.56 18.83 -15.97
CA SER A 74 -13.41 17.92 -15.91
C SER A 74 -13.47 16.85 -16.98
N THR A 75 -12.30 16.30 -17.26
CA THR A 75 -12.18 15.10 -18.07
C THR A 75 -11.23 14.10 -17.37
N GLY A 76 -11.30 12.85 -17.84
CA GLY A 76 -10.40 11.79 -17.46
C GLY A 76 -11.02 10.39 -17.33
N THR A 77 -10.18 9.35 -17.50
CA THR A 77 -10.58 7.94 -17.53
C THR A 77 -9.67 6.95 -16.76
N LYS A 78 -8.73 7.49 -15.99
CA LYS A 78 -7.70 6.71 -15.39
C LYS A 78 -7.35 7.10 -13.92
N CYS A 79 -6.53 6.25 -13.30
CA CYS A 79 -6.19 6.32 -11.91
C CYS A 79 -4.71 6.19 -11.75
N ILE A 80 -4.24 6.53 -10.59
CA ILE A 80 -2.85 6.65 -10.39
C ILE A 80 -2.17 5.31 -10.44
N ASN A 81 -0.99 5.34 -11.00
CA ASN A 81 -0.06 4.26 -10.92
C ASN A 81 0.48 4.13 -9.48
N GLY A 82 0.60 2.91 -8.99
CA GLY A 82 0.86 2.66 -7.55
C GLY A 82 2.14 3.26 -6.99
N GLU A 83 3.15 3.28 -7.87
CA GLU A 83 4.50 3.79 -7.64
C GLU A 83 4.56 5.30 -7.36
N TYR A 84 3.59 6.03 -7.91
CA TYR A 84 3.47 7.48 -7.75
C TYR A 84 2.53 7.98 -6.63
N MET A 85 2.08 7.11 -5.75
CA MET A 85 1.35 7.57 -4.58
C MET A 85 2.23 8.54 -3.76
N SER A 86 1.64 9.62 -3.27
CA SER A 86 2.35 10.61 -2.46
C SER A 86 2.06 10.43 -1.00
N ASP A 87 3.13 10.31 -0.20
CA ASP A 87 3.02 10.28 1.25
C ASP A 87 2.79 11.64 1.83
N ARG A 88 2.71 12.67 0.99
CA ARG A 88 2.47 14.05 1.36
C ARG A 88 1.19 14.64 0.74
N GLY A 89 0.39 13.81 0.11
CA GLY A 89 -0.88 14.31 -0.43
C GLY A 89 -0.78 15.18 -1.65
N LEU A 90 0.36 15.14 -2.33
CA LEU A 90 0.59 15.95 -3.53
C LEU A 90 0.13 15.37 -4.85
N ALA A 91 -0.55 14.20 -4.84
CA ALA A 91 -0.97 13.54 -6.10
C ALA A 91 -2.42 13.16 -6.15
N LEU A 92 -3.08 13.46 -7.27
CA LEU A 92 -4.44 12.97 -7.53
C LEU A 92 -4.46 11.48 -7.81
N ASN A 93 -5.32 10.79 -7.06
CA ASN A 93 -5.40 9.34 -6.98
C ASN A 93 -6.33 8.77 -8.01
N ASP A 94 -7.42 9.49 -8.29
CA ASP A 94 -8.46 9.06 -9.19
C ASP A 94 -8.85 10.18 -10.17
N CYS A 95 -8.54 10.04 -11.47
CA CYS A 95 -8.90 11.07 -12.44
C CYS A 95 -10.08 10.72 -13.35
N HIS A 96 -10.98 9.86 -12.90
CA HIS A 96 -12.21 9.61 -13.58
C HIS A 96 -12.97 10.97 -13.46
N ALA A 97 -13.50 11.46 -14.60
CA ALA A 97 -13.99 12.82 -14.72
C ALA A 97 -14.93 13.24 -13.60
N GLU A 98 -15.92 12.40 -13.30
CA GLU A 98 -16.90 12.75 -12.27
C GLU A 98 -16.26 12.84 -10.87
N ILE A 99 -15.20 12.08 -10.62
CA ILE A 99 -14.53 12.19 -9.33
C ILE A 99 -13.85 13.58 -9.21
N ILE A 100 -13.19 14.00 -10.30
CA ILE A 100 -12.45 15.28 -10.40
C ILE A 100 -13.37 16.47 -10.31
N SER A 101 -14.51 16.38 -10.97
CA SER A 101 -15.55 17.37 -10.85
C SER A 101 -16.08 17.58 -9.42
N ARG A 102 -16.11 16.53 -8.59
CA ARG A 102 -16.47 16.74 -7.19
C ARG A 102 -15.38 17.49 -6.45
N ARG A 103 -14.12 17.10 -6.71
CA ARG A 103 -13.03 17.77 -6.03
C ARG A 103 -13.05 19.24 -6.40
N SER A 104 -13.34 19.56 -7.66
CA SER A 104 -13.44 20.95 -8.11
C SER A 104 -14.54 21.78 -7.42
N LEU A 105 -15.70 21.16 -7.23
CA LEU A 105 -16.76 21.74 -6.41
C LEU A 105 -16.31 21.99 -4.96
N LEU A 106 -15.42 21.18 -4.39
CA LEU A 106 -14.97 21.44 -3.05
C LEU A 106 -14.29 22.81 -3.01
N ARG A 107 -13.46 23.12 -4.01
CA ARG A 107 -12.84 24.45 -4.08
C ARG A 107 -13.83 25.60 -4.12
N PHE A 108 -14.91 25.44 -4.88
CA PHE A 108 -16.00 26.42 -4.83
C PHE A 108 -16.49 26.53 -3.38
N LEU A 109 -16.91 25.41 -2.79
CA LEU A 109 -17.41 25.47 -1.44
C LEU A 109 -16.48 26.21 -0.50
N TYR A 110 -15.18 25.95 -0.58
CA TYR A 110 -14.18 26.70 0.23
C TYR A 110 -14.20 28.22 -0.03
N THR A 111 -14.30 28.60 -1.30
CA THR A 111 -14.30 29.99 -1.70
C THR A 111 -15.54 30.71 -1.19
N GLN A 112 -16.68 30.05 -1.27
CA GLN A 112 -17.93 30.60 -0.84
C GLN A 112 -18.03 30.73 0.70
N LEU A 113 -17.23 29.94 1.40
CA LEU A 113 -17.15 30.08 2.81
C LEU A 113 -16.38 31.35 3.15
N GLU A 114 -15.18 31.45 2.56
CA GLU A 114 -14.31 32.62 2.68
C GLU A 114 -15.02 33.91 2.33
N LEU A 115 -15.78 33.86 1.25
CA LEU A 115 -16.61 34.94 0.79
C LEU A 115 -17.50 35.49 1.90
N TYR A 116 -18.33 34.63 2.46
CA TYR A 116 -19.23 34.97 3.56
C TYR A 116 -18.43 35.52 4.76
N LEU A 117 -17.31 34.88 5.05
CA LEU A 117 -16.45 35.23 6.17
C LEU A 117 -15.67 36.55 6.04
N ASN A 118 -15.54 37.11 4.83
CA ASN A 118 -14.65 38.27 4.65
C ASN A 118 -15.33 39.66 4.94
N ASN A 119 -16.62 39.84 4.66
CA ASN A 119 -17.41 40.91 5.29
C ASN A 119 -18.93 40.76 5.14
N LYS A 120 -19.66 41.54 5.93
CA LYS A 120 -21.13 41.52 5.98
C LYS A 120 -21.78 41.71 4.62
N ASP A 121 -21.22 42.60 3.80
CA ASP A 121 -21.77 42.87 2.44
C ASP A 121 -21.78 41.58 1.65
N ASP A 122 -20.61 40.92 1.62
CA ASP A 122 -20.39 39.66 0.91
C ASP A 122 -21.35 38.51 1.31
N GLN A 123 -21.89 38.55 2.53
CA GLN A 123 -22.89 37.56 2.95
C GLN A 123 -24.08 37.44 2.00
N LYS A 124 -24.48 38.53 1.35
CA LYS A 124 -25.52 38.48 0.31
C LYS A 124 -25.14 37.51 -0.81
N ARG A 125 -23.88 37.55 -1.22
CA ARG A 125 -23.39 36.83 -2.40
C ARG A 125 -23.31 35.33 -2.12
N SER A 126 -22.73 35.00 -0.97
CA SER A 126 -22.35 33.65 -0.64
C SER A 126 -23.55 32.73 -0.66
N ILE A 127 -23.33 31.52 -1.17
CA ILE A 127 -24.35 30.44 -1.18
C ILE A 127 -24.66 29.89 0.25
N PHE A 128 -23.77 30.15 1.21
CA PHE A 128 -23.98 29.73 2.58
C PHE A 128 -24.64 30.85 3.37
N GLN A 129 -25.31 30.45 4.45
CA GLN A 129 -25.76 31.33 5.53
C GLN A 129 -25.50 30.58 6.81
N LYS A 130 -25.57 31.28 7.95
CA LYS A 130 -25.53 30.62 9.26
C LYS A 130 -26.72 29.65 9.43
N SER A 131 -26.46 28.49 10.01
CA SER A 131 -27.52 27.56 10.26
C SER A 131 -27.95 27.71 11.69
N GLU A 132 -29.24 27.63 11.85
CA GLU A 132 -29.87 27.52 13.12
C GLU A 132 -29.43 26.31 13.97
N ARG A 133 -28.64 25.37 13.44
CA ARG A 133 -28.07 24.30 14.28
C ARG A 133 -26.58 24.38 14.51
N GLY A 134 -25.94 25.47 14.08
CA GLY A 134 -24.50 25.60 14.23
C GLY A 134 -23.90 25.69 12.84
N GLY A 135 -22.75 26.33 12.75
CA GLY A 135 -22.05 26.42 11.50
C GLY A 135 -22.89 26.98 10.39
N PHE A 136 -22.72 26.39 9.21
CA PHE A 136 -23.27 26.92 7.97
C PHE A 136 -24.14 25.93 7.22
N ARG A 137 -25.06 26.44 6.42
CA ARG A 137 -25.87 25.60 5.56
C ARG A 137 -26.10 26.38 4.29
N LEU A 138 -26.50 25.67 3.25
CA LEU A 138 -26.86 26.29 1.99
C LEU A 138 -28.13 27.16 2.11
N LYS A 139 -28.10 28.36 1.54
CA LYS A 139 -29.34 29.12 1.35
C LYS A 139 -30.34 28.32 0.56
N GLU A 140 -31.59 28.28 1.00
CA GLU A 140 -32.68 27.56 0.30
C GLU A 140 -32.69 27.79 -1.23
N ASN A 141 -33.18 26.79 -1.94
CA ASN A 141 -33.21 26.78 -3.43
C ASN A 141 -31.83 26.74 -4.15
N VAL A 142 -30.73 26.61 -3.39
CA VAL A 142 -29.42 26.27 -3.95
C VAL A 142 -29.29 24.73 -4.07
N GLN A 143 -29.15 24.28 -5.32
CA GLN A 143 -29.01 22.88 -5.66
C GLN A 143 -27.84 22.65 -6.61
N PHE A 144 -27.15 21.52 -6.49
CA PHE A 144 -26.11 21.09 -7.47
C PHE A 144 -26.50 19.84 -8.26
N HIS A 145 -26.12 19.82 -9.53
CA HIS A 145 -26.47 18.75 -10.47
C HIS A 145 -25.20 18.22 -11.11
N LEU A 146 -25.00 16.90 -11.06
CA LEU A 146 -23.81 16.27 -11.68
C LEU A 146 -24.08 15.85 -13.13
N TYR A 147 -23.11 16.14 -14.01
CA TYR A 147 -23.13 15.67 -15.40
C TYR A 147 -22.04 14.65 -15.63
N ILE A 148 -22.35 13.55 -16.25
CA ILE A 148 -21.31 12.64 -16.72
C ILE A 148 -21.69 12.33 -18.16
N SER A 149 -20.72 12.44 -19.08
CA SER A 149 -21.01 12.13 -20.50
C SER A 149 -21.18 10.63 -20.71
N THR A 150 -20.94 9.84 -19.68
CA THR A 150 -21.32 8.45 -19.71
C THR A 150 -21.67 7.87 -18.32
N SER A 151 -22.06 6.61 -18.30
CA SER A 151 -22.39 5.93 -17.05
C SER A 151 -21.16 5.75 -16.15
N PRO A 152 -21.32 5.96 -14.83
CA PRO A 152 -20.19 5.78 -13.93
C PRO A 152 -19.84 4.32 -13.75
N CYS A 153 -18.55 4.02 -13.85
CA CYS A 153 -18.06 2.64 -13.75
C CYS A 153 -18.55 1.94 -12.47
N GLY A 154 -18.51 0.62 -12.50
CA GLY A 154 -19.11 -0.20 -11.50
C GLY A 154 -20.54 -0.46 -11.81
N ASP A 155 -21.32 -0.61 -10.75
CA ASP A 155 -22.71 -1.12 -10.82
C ASP A 155 -23.62 -0.50 -11.89
N ALA A 156 -23.54 0.81 -12.06
CA ALA A 156 -24.32 1.50 -13.04
C ALA A 156 -23.92 1.18 -14.47
N ARG A 157 -22.69 0.67 -14.69
CA ARG A 157 -22.14 0.49 -16.08
C ARG A 157 -21.92 -0.97 -16.51
N ILE A 158 -21.20 -1.71 -15.70
CA ILE A 158 -20.68 -3.01 -16.02
C ILE A 158 -21.63 -4.03 -16.67
N PHE A 159 -22.89 -4.08 -16.26
CA PHE A 159 -23.82 -5.04 -16.86
C PHE A 159 -24.36 -4.66 -18.24
N SER A 160 -24.35 -3.36 -18.60
CA SER A 160 -24.73 -2.87 -19.97
C SER A 160 -23.90 -1.61 -20.31
N PRO A 161 -22.65 -1.79 -20.70
CA PRO A 161 -21.82 -0.68 -21.07
C PRO A 161 -21.98 -0.25 -22.55
N HIS A 162 -23.22 -0.18 -23.01
CA HIS A 162 -23.54 0.26 -24.36
C HIS A 162 -24.86 1.02 -24.24
N GLU A 163 -25.19 1.84 -25.24
CA GLU A 163 -26.50 2.52 -25.28
C GLU A 163 -27.63 1.55 -25.08
N PRO A 164 -28.72 2.00 -24.45
CA PRO A 164 -29.87 1.10 -24.31
C PRO A 164 -30.61 0.92 -25.65
N ILE A 165 -31.09 -0.29 -25.90
CA ILE A 165 -31.84 -0.59 -27.13
C ILE A 165 -33.31 -0.77 -26.78
N LEU A 166 -34.16 -0.21 -27.63
CA LEU A 166 -35.58 -0.10 -27.33
C LEU A 166 -36.27 -1.45 -27.23
N GLU A 167 -35.72 -2.46 -27.90
CA GLU A 167 -36.29 -3.82 -27.91
C GLU A 167 -36.42 -4.44 -26.52
N GLU A 168 -35.32 -4.94 -25.94
CA GLU A 168 -35.34 -5.42 -24.55
C GLU A 168 -34.48 -4.51 -23.72
N PRO A 169 -35.07 -3.39 -23.23
CA PRO A 169 -34.27 -2.49 -22.42
C PRO A 169 -34.05 -3.01 -20.98
N ALA A 170 -35.01 -3.79 -20.45
CA ALA A 170 -34.99 -4.16 -19.04
C ALA A 170 -33.97 -5.26 -18.78
N ASP A 171 -33.33 -5.15 -17.61
CA ASP A 171 -32.38 -6.13 -17.10
C ASP A 171 -33.15 -7.39 -16.79
N ARG A 172 -32.66 -8.51 -17.31
CA ARG A 172 -33.37 -9.78 -17.30
C ARG A 172 -33.08 -10.57 -16.04
N HIS A 173 -31.93 -10.32 -15.40
CA HIS A 173 -31.50 -11.08 -14.23
C HIS A 173 -31.21 -10.19 -13.01
N PRO A 174 -32.21 -9.44 -12.54
CA PRO A 174 -31.98 -8.45 -11.51
C PRO A 174 -31.64 -9.01 -10.13
N ASN A 175 -31.98 -10.24 -9.84
CA ASN A 175 -31.65 -10.82 -8.57
C ASN A 175 -30.37 -11.62 -8.57
N ARG A 176 -29.51 -11.47 -9.58
CA ARG A 176 -28.18 -12.07 -9.47
C ARG A 176 -27.34 -11.41 -8.39
N LYS A 177 -26.41 -12.21 -7.87
CA LYS A 177 -25.50 -11.81 -6.82
C LYS A 177 -24.56 -10.72 -7.28
N ALA A 178 -24.14 -10.75 -8.54
CA ALA A 178 -23.33 -9.69 -9.11
C ALA A 178 -23.98 -8.27 -8.98
N ARG A 179 -25.31 -8.19 -9.01
CA ARG A 179 -25.99 -6.93 -9.03
C ARG A 179 -25.82 -6.24 -7.71
N GLY A 180 -25.53 -4.94 -7.75
CA GLY A 180 -25.31 -4.13 -6.54
C GLY A 180 -23.94 -4.23 -5.88
N GLN A 181 -23.13 -5.17 -6.31
CA GLN A 181 -21.85 -5.41 -5.65
C GLN A 181 -20.93 -4.19 -5.69
N LEU A 182 -20.24 -3.93 -4.58
CA LEU A 182 -19.11 -2.99 -4.60
C LEU A 182 -17.98 -3.57 -5.46
N ARG A 183 -17.41 -2.68 -6.27
CA ARG A 183 -16.47 -3.04 -7.31
C ARG A 183 -15.35 -2.02 -7.34
N THR A 184 -14.17 -2.44 -7.79
CA THR A 184 -12.97 -1.62 -7.84
C THR A 184 -12.39 -1.53 -9.24
N LYS A 185 -12.04 -0.34 -9.68
CA LYS A 185 -10.97 -0.16 -10.67
C LYS A 185 -9.74 -0.92 -10.18
N ILE A 186 -9.04 -1.59 -11.09
CA ILE A 186 -7.87 -2.41 -10.71
C ILE A 186 -6.65 -2.06 -11.58
N GLU A 187 -5.59 -1.63 -10.93
CA GLU A 187 -4.45 -1.13 -11.63
C GLU A 187 -4.02 -2.19 -12.65
N SER A 188 -3.87 -1.74 -13.91
CA SER A 188 -3.33 -2.55 -15.01
C SER A 188 -4.26 -3.63 -15.46
N GLY A 189 -5.52 -3.58 -15.03
N GLY A 189 -5.52 -3.54 -15.05
CA GLY A 189 -6.48 -4.63 -15.33
CA GLY A 189 -6.47 -4.61 -15.21
C GLY A 189 -7.71 -3.98 -15.88
C GLY A 189 -7.73 -4.14 -15.87
N TYR A 190 -8.35 -4.65 -16.84
N TYR A 190 -8.20 -4.97 -16.78
CA TYR A 190 -9.65 -4.18 -17.26
CA TYR A 190 -9.55 -4.92 -17.28
C TYR A 190 -10.65 -4.75 -16.28
C TYR A 190 -10.53 -4.90 -16.11
N GLY A 191 -11.90 -4.31 -16.42
N GLY A 191 -11.72 -4.38 -16.37
CA GLY A 191 -12.97 -4.76 -15.55
CA GLY A 191 -12.90 -4.68 -15.56
C GLY A 191 -13.13 -3.83 -14.37
C GLY A 191 -13.12 -3.78 -14.36
N THR A 192 -14.28 -3.94 -13.73
CA THR A 192 -14.53 -3.42 -12.37
C THR A 192 -14.87 -4.63 -11.54
N ILE A 193 -13.96 -4.92 -10.61
CA ILE A 193 -13.86 -6.17 -9.94
C ILE A 193 -14.47 -6.09 -8.54
N PRO A 194 -15.30 -7.09 -8.15
CA PRO A 194 -15.87 -7.11 -6.80
C PRO A 194 -14.81 -7.08 -5.71
N VAL A 195 -15.15 -6.39 -4.61
CA VAL A 195 -14.28 -6.29 -3.45
C VAL A 195 -14.26 -7.53 -2.66
N ARG A 196 -15.33 -8.32 -2.65
CA ARG A 196 -15.27 -9.73 -2.16
C ARG A 196 -13.94 -10.46 -2.43
N SER A 197 -13.48 -10.36 -3.68
CA SER A 197 -12.33 -11.09 -4.19
C SER A 197 -10.97 -10.47 -3.87
N ASN A 198 -10.96 -9.28 -3.25
CA ASN A 198 -9.74 -8.71 -2.64
C ASN A 198 -10.06 -8.17 -1.20
N ALA A 199 -10.23 -9.15 -0.28
CA ALA A 199 -10.67 -8.97 1.13
C ALA A 199 -9.55 -8.48 2.02
N SER A 200 -8.33 -8.94 1.71
CA SER A 200 -7.10 -8.32 2.22
C SER A 200 -7.14 -6.76 2.11
N ILE A 201 -6.80 -6.06 3.19
CA ILE A 201 -6.60 -4.61 3.15
C ILE A 201 -5.34 -4.25 2.35
N GLN A 202 -5.31 -3.05 1.78
CA GLN A 202 -4.18 -2.62 0.96
C GLN A 202 -3.08 -2.07 1.84
N THR A 203 -1.83 -2.20 1.42
CA THR A 203 -0.68 -1.79 2.23
C THR A 203 0.23 -0.94 1.36
N TRP A 204 0.96 -0.05 2.00
CA TRP A 204 1.80 0.87 1.29
C TRP A 204 2.93 0.06 0.67
N ASP A 205 3.57 -0.76 1.51
CA ASP A 205 4.74 -1.56 1.04
C ASP A 205 4.35 -2.64 0.01
N GLY A 206 3.19 -3.27 0.19
CA GLY A 206 2.58 -4.09 -0.83
C GLY A 206 2.40 -3.41 -2.17
N VAL A 207 1.68 -2.30 -2.20
CA VAL A 207 1.42 -1.64 -3.47
C VAL A 207 2.73 -1.28 -4.19
N LEU A 208 3.71 -0.80 -3.46
CA LEU A 208 4.94 -0.35 -4.11
C LEU A 208 5.69 -1.49 -4.79
N GLN A 209 5.70 -2.63 -4.14
CA GLN A 209 6.30 -3.83 -4.71
C GLN A 209 5.58 -4.37 -5.97
N GLY A 210 4.27 -4.12 -6.11
CA GLY A 210 3.49 -4.69 -7.23
C GLY A 210 2.05 -5.13 -6.97
N GLU A 211 1.59 -5.15 -5.70
CA GLU A 211 0.15 -5.31 -5.43
C GLU A 211 -0.50 -4.24 -6.31
N ARG A 212 -1.52 -4.64 -7.02
CA ARG A 212 -2.22 -3.75 -7.89
C ARG A 212 -3.15 -2.87 -7.07
N LEU A 213 -3.04 -1.57 -7.29
CA LEU A 213 -3.77 -0.61 -6.51
C LEU A 213 -5.23 -0.65 -6.86
N LEU A 214 -6.07 -0.90 -5.86
CA LEU A 214 -7.51 -0.93 -6.02
C LEU A 214 -8.12 0.41 -5.62
N THR A 215 -9.11 0.83 -6.40
CA THR A 215 -9.76 2.10 -6.20
C THR A 215 -11.24 1.82 -6.38
N MET A 216 -12.06 2.31 -5.47
CA MET A 216 -13.46 2.01 -5.52
C MET A 216 -14.02 2.66 -6.75
N SER A 217 -15.01 2.00 -7.36
CA SER A 217 -15.59 2.45 -8.62
C SER A 217 -16.39 3.73 -8.45
N CYS A 218 -16.68 4.39 -9.57
CA CYS A 218 -17.40 5.65 -9.52
C CYS A 218 -18.85 5.45 -9.09
N SER A 219 -19.49 4.36 -9.50
CA SER A 219 -20.84 4.09 -8.99
C SER A 219 -20.83 4.01 -7.48
N ASP A 220 -19.79 3.40 -6.95
CA ASP A 220 -19.67 3.24 -5.51
C ASP A 220 -19.46 4.57 -4.81
N LYS A 221 -18.60 5.40 -5.38
CA LYS A 221 -18.35 6.65 -4.77
C LYS A 221 -19.56 7.54 -4.85
N ILE A 222 -20.35 7.43 -5.90
CA ILE A 222 -21.49 8.37 -5.99
C ILE A 222 -22.55 7.99 -4.94
N ALA A 223 -22.75 6.68 -4.80
CA ALA A 223 -23.63 6.11 -3.79
C ALA A 223 -23.26 6.61 -2.41
N ARG A 224 -21.96 6.52 -2.09
CA ARG A 224 -21.40 7.09 -0.86
C ARG A 224 -21.72 8.57 -0.71
N TRP A 225 -21.56 9.38 -1.76
CA TRP A 225 -21.97 10.80 -1.70
C TRP A 225 -23.47 11.04 -1.51
N ASN A 226 -24.26 10.04 -1.85
CA ASN A 226 -25.66 10.07 -1.60
C ASN A 226 -26.03 9.67 -0.20
N VAL A 227 -25.06 9.29 0.65
CA VAL A 227 -25.27 9.11 2.09
C VAL A 227 -24.53 10.17 2.90
N VAL A 228 -23.21 10.28 2.69
CA VAL A 228 -22.37 11.14 3.51
C VAL A 228 -22.28 12.59 3.05
N GLY A 229 -22.96 12.92 1.95
CA GLY A 229 -22.87 14.23 1.30
C GLY A 229 -21.72 14.27 0.30
N ILE A 230 -21.72 15.28 -0.57
CA ILE A 230 -20.58 15.50 -1.50
C ILE A 230 -19.43 16.30 -0.92
N GLN A 231 -19.62 16.90 0.24
CA GLN A 231 -18.66 17.88 0.76
C GLN A 231 -17.40 17.30 1.40
N GLY A 232 -17.39 16.01 1.70
CA GLY A 232 -16.27 15.38 2.43
C GLY A 232 -16.31 15.55 3.95
N SER A 233 -15.34 14.95 4.60
CA SER A 233 -15.26 14.96 6.06
C SER A 233 -14.93 16.38 6.58
N LEU A 234 -13.78 16.86 6.16
CA LEU A 234 -13.29 18.20 6.55
C LEU A 234 -14.30 19.34 6.48
N LEU A 235 -14.95 19.51 5.34
CA LEU A 235 -15.92 20.57 5.16
C LEU A 235 -17.09 20.46 6.08
N SER A 236 -17.42 19.22 6.46
CA SER A 236 -18.53 18.97 7.40
C SER A 236 -18.24 19.48 8.82
N ILE A 237 -16.98 19.76 9.12
CA ILE A 237 -16.69 20.47 10.34
C ILE A 237 -17.27 21.89 10.32
N PHE A 238 -17.30 22.56 9.15
CA PHE A 238 -17.91 23.86 8.96
C PHE A 238 -19.37 23.88 8.46
N VAL A 239 -19.72 23.00 7.50
CA VAL A 239 -21.05 23.03 6.85
C VAL A 239 -21.84 21.77 7.09
N GLU A 240 -23.14 21.89 6.85
CA GLU A 240 -24.07 20.76 6.86
C GLU A 240 -23.96 19.98 5.54
N PRO A 241 -24.37 18.68 5.54
CA PRO A 241 -24.22 17.84 4.37
C PRO A 241 -24.94 18.37 3.13
N ILE A 242 -24.24 18.28 2.01
CA ILE A 242 -24.74 18.73 0.72
C ILE A 242 -24.86 17.51 -0.16
N TYR A 243 -26.00 17.43 -0.84
CA TYR A 243 -26.25 16.34 -1.74
C TYR A 243 -26.45 16.87 -3.15
N PHE A 244 -26.14 16.05 -4.13
CA PHE A 244 -26.56 16.31 -5.49
C PHE A 244 -28.08 16.11 -5.61
N SER A 245 -28.78 17.08 -6.20
CA SER A 245 -30.20 16.92 -6.55
C SER A 245 -30.49 16.14 -7.90
N SER A 246 -29.52 16.10 -8.79
CA SER A 246 -29.65 15.42 -10.09
C SER A 246 -28.33 14.78 -10.46
N ILE A 247 -28.42 13.65 -11.15
CA ILE A 247 -27.29 13.01 -11.77
C ILE A 247 -27.75 12.76 -13.21
N ILE A 248 -27.09 13.44 -14.15
CA ILE A 248 -27.45 13.40 -15.56
C ILE A 248 -26.39 12.72 -16.39
N LEU A 249 -26.77 11.82 -17.27
CA LEU A 249 -25.80 11.11 -18.06
C LEU A 249 -25.99 11.47 -19.50
N GLY A 250 -24.88 11.70 -20.17
CA GLY A 250 -24.90 12.07 -21.57
C GLY A 250 -24.98 10.88 -22.49
N SER A 251 -24.62 9.70 -21.99
CA SER A 251 -24.69 8.46 -22.79
C SER A 251 -24.86 7.29 -21.87
N LEU A 252 -25.13 6.12 -22.46
CA LEU A 252 -25.31 4.85 -21.76
C LEU A 252 -26.27 4.81 -20.55
N TYR A 253 -27.33 5.62 -20.62
CA TYR A 253 -28.29 5.67 -19.53
C TYR A 253 -29.10 4.37 -19.53
N HIS A 254 -28.98 3.64 -18.41
CA HIS A 254 -29.87 2.56 -18.02
C HIS A 254 -30.42 2.84 -16.63
N GLY A 255 -31.72 3.08 -16.52
CA GLY A 255 -32.33 3.64 -15.34
C GLY A 255 -32.44 2.66 -14.21
N ASP A 256 -32.72 1.41 -14.55
CA ASP A 256 -32.85 0.36 -13.55
C ASP A 256 -31.47 0.08 -12.92
N HIS A 257 -30.44 0.01 -13.72
CA HIS A 257 -29.10 -0.16 -13.20
C HIS A 257 -28.64 1.08 -12.43
N LEU A 258 -28.94 2.26 -12.99
CA LEU A 258 -28.46 3.51 -12.37
C LEU A 258 -29.08 3.76 -10.99
N SER A 259 -30.38 3.62 -10.88
CA SER A 259 -31.04 3.84 -9.62
C SER A 259 -30.63 2.77 -8.62
N ARG A 260 -30.42 1.53 -9.07
CA ARG A 260 -29.91 0.50 -8.17
C ARG A 260 -28.59 0.96 -7.56
N ALA A 261 -27.71 1.46 -8.42
CA ALA A 261 -26.34 1.76 -8.08
C ALA A 261 -26.19 2.94 -7.18
N MET A 262 -27.01 3.95 -7.40
CA MET A 262 -26.86 5.28 -6.81
C MET A 262 -27.49 5.36 -5.43
N TYR A 263 -28.46 4.48 -5.17
CA TYR A 263 -29.11 4.46 -3.88
C TYR A 263 -29.85 3.19 -3.55
N GLN A 264 -30.67 2.68 -4.45
CA GLN A 264 -31.60 1.61 -4.04
C GLN A 264 -30.95 0.37 -3.44
N ARG A 265 -29.73 0.03 -3.80
CA ARG A 265 -29.06 -1.13 -3.21
C ARG A 265 -28.75 -0.99 -1.72
N ILE A 266 -28.77 0.23 -1.18
CA ILE A 266 -28.53 0.40 0.26
C ILE A 266 -29.74 1.05 0.95
N SER A 267 -30.94 0.75 0.48
CA SER A 267 -32.16 1.20 1.15
C SER A 267 -32.28 0.55 2.54
N ASN A 268 -31.54 -0.51 2.75
CA ASN A 268 -31.36 -1.14 4.05
C ASN A 268 -30.59 -0.32 5.10
N ILE A 269 -30.14 0.90 4.79
CA ILE A 269 -29.20 1.66 5.66
C ILE A 269 -29.92 2.27 6.85
N GLU A 270 -29.29 2.28 8.01
CA GLU A 270 -30.01 2.79 9.16
C GLU A 270 -29.13 3.56 10.13
N ASP A 271 -29.81 4.32 11.01
CA ASP A 271 -29.18 4.99 12.16
C ASP A 271 -28.17 6.05 11.74
N LEU A 272 -28.60 6.85 10.77
CA LEU A 272 -27.72 7.89 10.26
C LEU A 272 -27.78 9.04 11.23
N PRO A 273 -26.65 9.71 11.45
CA PRO A 273 -26.72 10.84 12.33
C PRO A 273 -27.57 11.94 11.72
N PRO A 274 -28.11 12.84 12.55
CA PRO A 274 -29.09 13.80 12.04
C PRO A 274 -28.50 14.68 10.93
N LEU A 275 -29.40 15.15 10.08
CA LEU A 275 -29.11 15.79 8.79
C LEU A 275 -28.63 14.84 7.67
N TYR A 276 -28.05 13.67 8.00
CA TYR A 276 -27.63 12.74 6.96
C TYR A 276 -28.82 11.92 6.53
N THR A 277 -28.82 11.47 5.28
CA THR A 277 -29.96 10.70 4.76
C THR A 277 -29.52 9.84 3.58
N LEU A 278 -30.43 9.06 3.01
CA LEU A 278 -30.16 8.33 1.76
C LEU A 278 -30.79 9.17 0.68
N ASN A 279 -29.99 10.04 0.12
CA ASN A 279 -30.43 10.96 -0.91
C ASN A 279 -30.73 10.23 -2.22
N LYS A 280 -31.82 10.64 -2.87
CA LYS A 280 -32.32 9.96 -4.04
C LYS A 280 -32.52 11.02 -5.11
N PRO A 281 -31.43 11.38 -5.77
CA PRO A 281 -31.54 12.46 -6.72
C PRO A 281 -32.29 12.12 -8.01
N LEU A 282 -32.63 13.15 -8.76
CA LEU A 282 -33.15 12.93 -10.10
C LEU A 282 -32.08 12.16 -10.90
N LEU A 283 -32.50 11.15 -11.61
CA LEU A 283 -31.62 10.41 -12.54
C LEU A 283 -32.18 10.59 -13.93
N SER A 284 -31.35 11.03 -14.86
CA SER A 284 -31.81 11.18 -16.24
C SER A 284 -30.73 11.01 -17.29
N GLY A 285 -31.14 10.57 -18.47
CA GLY A 285 -30.38 10.77 -19.70
C GLY A 285 -30.71 12.10 -20.36
N ILE A 286 -30.08 12.35 -21.49
CA ILE A 286 -30.39 13.49 -22.32
C ILE A 286 -31.11 13.07 -23.61
N SER A 287 -31.74 14.04 -24.25
CA SER A 287 -32.59 13.78 -25.40
C SER A 287 -31.75 13.23 -26.56
N ASN A 288 -30.61 13.89 -26.84
CA ASN A 288 -29.63 13.43 -27.86
C ASN A 288 -28.27 13.03 -27.28
N ALA A 289 -28.08 11.71 -27.07
CA ALA A 289 -26.89 11.19 -26.39
C ALA A 289 -25.60 11.57 -27.10
N GLU A 290 -24.51 11.74 -26.35
CA GLU A 290 -23.19 11.95 -26.94
C GLU A 290 -22.71 10.70 -27.67
N ALA A 291 -21.86 10.93 -28.66
CA ALA A 291 -21.33 9.84 -29.48
C ALA A 291 -20.04 9.36 -28.83
N ARG A 292 -19.71 8.08 -29.03
CA ARG A 292 -18.37 7.57 -28.69
C ARG A 292 -17.32 8.56 -29.22
N GLN A 293 -16.45 9.07 -28.36
CA GLN A 293 -15.44 10.03 -28.80
C GLN A 293 -14.35 9.24 -29.49
N PRO A 294 -13.89 9.69 -30.67
CA PRO A 294 -12.88 8.89 -31.35
C PRO A 294 -11.51 9.08 -30.69
N GLY A 295 -10.64 8.08 -30.84
CA GLY A 295 -9.25 8.16 -30.43
C GLY A 295 -8.84 7.19 -29.33
N LYS A 296 -7.55 7.05 -29.13
CA LYS A 296 -6.99 6.49 -27.90
C LYS A 296 -7.43 7.39 -26.73
N ALA A 297 -7.70 6.77 -25.59
CA ALA A 297 -8.08 7.51 -24.40
C ALA A 297 -6.87 8.27 -23.90
N PRO A 298 -7.00 9.61 -23.84
CA PRO A 298 -5.91 10.42 -23.35
C PRO A 298 -5.58 10.12 -21.89
N ASN A 299 -4.29 10.27 -21.58
CA ASN A 299 -3.75 9.99 -20.28
C ASN A 299 -3.76 11.21 -19.33
N PHE A 300 -4.37 12.31 -19.76
CA PHE A 300 -4.45 13.44 -18.88
C PHE A 300 -5.89 13.66 -18.46
N SER A 301 -6.02 14.40 -17.36
CA SER A 301 -7.28 14.85 -16.83
C SER A 301 -7.22 16.36 -16.74
N VAL A 302 -8.31 16.98 -17.12
CA VAL A 302 -8.42 18.43 -17.13
C VAL A 302 -9.39 18.87 -16.03
N ASN A 303 -9.09 19.97 -15.35
CA ASN A 303 -10.07 20.48 -14.37
C ASN A 303 -10.21 21.98 -14.37
N TRP A 304 -11.35 22.45 -13.91
CA TRP A 304 -11.63 23.87 -13.88
C TRP A 304 -12.74 24.12 -12.88
N THR A 305 -12.55 25.09 -12.00
CA THR A 305 -13.64 25.58 -11.17
C THR A 305 -13.95 27.02 -11.53
N VAL A 306 -15.22 27.38 -11.42
CA VAL A 306 -15.60 28.75 -11.65
C VAL A 306 -14.75 29.71 -10.84
N GLY A 307 -14.31 30.81 -11.46
CA GLY A 307 -13.34 31.69 -10.82
C GLY A 307 -11.92 31.50 -11.32
N ASP A 308 -11.55 30.28 -11.73
CA ASP A 308 -10.23 30.07 -12.30
C ASP A 308 -10.15 30.72 -13.67
N SER A 309 -8.96 31.20 -14.02
CA SER A 309 -8.74 31.81 -15.34
C SER A 309 -8.48 30.76 -16.42
N ALA A 310 -8.19 29.51 -16.03
CA ALA A 310 -8.04 28.44 -17.03
C ALA A 310 -8.12 27.03 -16.45
N ILE A 311 -8.23 26.05 -17.35
CA ILE A 311 -8.13 24.64 -16.97
C ILE A 311 -6.74 24.32 -16.48
N GLU A 312 -6.65 23.27 -15.68
CA GLU A 312 -5.39 22.74 -15.20
C GLU A 312 -5.30 21.32 -15.79
N VAL A 313 -4.10 20.94 -16.26
CA VAL A 313 -3.89 19.70 -16.95
C VAL A 313 -3.04 18.72 -16.10
N ILE A 314 -3.64 17.58 -15.73
CA ILE A 314 -2.97 16.59 -14.87
C ILE A 314 -2.80 15.24 -15.58
N ASN A 315 -1.62 14.65 -15.43
CA ASN A 315 -1.32 13.29 -15.91
C ASN A 315 -1.95 12.37 -14.93
N ALA A 316 -2.89 11.54 -15.41
CA ALA A 316 -3.61 10.71 -14.47
C ALA A 316 -2.73 9.59 -13.86
N THR A 317 -1.59 9.30 -14.46
CA THR A 317 -0.71 8.19 -14.03
C THR A 317 0.20 8.64 -12.92
N THR A 318 0.65 9.90 -13.01
CA THR A 318 1.49 10.50 -11.93
C THR A 318 0.64 11.22 -10.88
N GLY A 319 -0.60 11.55 -11.26
CA GLY A 319 -1.40 12.44 -10.45
C GLY A 319 -0.85 13.85 -10.31
N LYS A 320 0.00 14.29 -11.25
CA LYS A 320 0.61 15.64 -11.26
C LYS A 320 0.59 16.23 -12.66
N ASP A 321 0.89 17.54 -12.81
CA ASP A 321 1.01 18.15 -14.18
C ASP A 321 2.28 17.67 -14.86
N GLU A 322 2.57 18.16 -16.07
CA GLU A 322 3.72 17.62 -16.80
C GLU A 322 5.09 18.03 -16.26
N LEU A 323 5.16 19.04 -15.40
CA LEU A 323 6.40 19.41 -14.69
C LEU A 323 6.49 18.85 -13.26
N GLY A 324 5.66 17.88 -12.89
CA GLY A 324 5.67 17.32 -11.51
C GLY A 324 5.08 18.22 -10.42
N ARG A 325 4.34 19.27 -10.79
CA ARG A 325 3.76 20.16 -9.79
C ARG A 325 2.41 19.60 -9.35
N ALA A 326 2.07 19.79 -8.07
CA ALA A 326 0.84 19.28 -7.52
C ALA A 326 -0.35 20.08 -8.02
N SER A 327 -1.49 19.41 -8.07
CA SER A 327 -2.73 20.00 -8.56
C SER A 327 -3.34 20.84 -7.47
N ARG A 328 -4.05 21.89 -7.87
CA ARG A 328 -5.00 22.57 -6.97
C ARG A 328 -6.04 21.68 -6.29
N LEU A 329 -6.23 20.46 -6.78
CA LEU A 329 -7.23 19.57 -6.25
C LEU A 329 -6.63 18.45 -5.41
N CYS A 330 -5.33 18.44 -5.21
CA CYS A 330 -4.77 17.41 -4.38
C CYS A 330 -5.11 17.61 -2.93
N LYS A 331 -4.91 16.55 -2.18
CA LYS A 331 -5.21 16.50 -0.78
C LYS A 331 -4.55 17.61 -0.04
N HIS A 332 -3.30 17.86 -0.36
CA HIS A 332 -2.50 18.81 0.38
C HIS A 332 -3.07 20.17 0.09
N ALA A 333 -3.42 20.41 -1.16
CA ALA A 333 -4.07 21.68 -1.55
C ALA A 333 -5.39 21.90 -0.83
N LEU A 334 -6.19 20.84 -0.70
CA LEU A 334 -7.48 20.97 -0.03
C LEU A 334 -7.32 21.24 1.47
N TYR A 335 -6.38 20.54 2.09
CA TYR A 335 -6.06 20.74 3.50
C TYR A 335 -5.61 22.21 3.72
N CYS A 336 -4.78 22.72 2.83
CA CYS A 336 -4.33 24.10 2.91
C CYS A 336 -5.55 25.04 2.91
N ARG A 337 -6.50 24.79 2.02
CA ARG A 337 -7.73 25.59 1.98
C ARG A 337 -8.54 25.50 3.29
N TRP A 338 -8.67 24.27 3.80
CA TRP A 338 -9.40 23.99 5.03
C TRP A 338 -8.82 24.72 6.27
N MET A 339 -7.51 24.75 6.32
CA MET A 339 -6.76 25.51 7.30
C MET A 339 -6.91 27.04 7.12
N ARG A 340 -6.91 27.58 5.89
CA ARG A 340 -7.13 29.01 5.75
C ARG A 340 -8.47 29.33 6.41
N VAL A 341 -9.51 28.65 5.93
CA VAL A 341 -10.88 28.87 6.39
C VAL A 341 -11.04 28.63 7.89
N HIS A 342 -10.28 27.69 8.43
CA HIS A 342 -10.40 27.40 9.83
C HIS A 342 -10.02 28.64 10.63
N GLY A 343 -8.88 29.24 10.31
CA GLY A 343 -8.45 30.49 10.97
C GLY A 343 -9.44 31.66 10.96
N LYS A 344 -10.41 31.68 10.04
CA LYS A 344 -11.42 32.70 9.98
C LYS A 344 -12.77 32.27 10.58
N VAL A 345 -12.90 31.06 11.11
CA VAL A 345 -14.20 30.66 11.65
C VAL A 345 -14.07 30.65 13.15
N PRO A 346 -14.83 31.51 13.84
CA PRO A 346 -14.72 31.48 15.29
C PRO A 346 -15.20 30.16 15.86
N SER A 347 -14.53 29.73 16.92
CA SER A 347 -14.81 28.49 17.65
C SER A 347 -16.28 28.18 17.81
N HIS A 348 -17.04 29.16 18.28
CA HIS A 348 -18.48 28.98 18.52
C HIS A 348 -19.30 28.71 17.24
N LEU A 349 -18.74 29.04 16.09
CA LEU A 349 -19.35 28.69 14.81
C LEU A 349 -18.94 27.32 14.18
N LEU A 350 -18.05 26.56 14.82
CA LEU A 350 -17.74 25.20 14.35
C LEU A 350 -18.89 24.22 14.63
N ARG A 351 -19.19 23.36 13.65
CA ARG A 351 -20.18 22.28 13.80
C ARG A 351 -19.64 21.14 14.60
N SER A 352 -18.32 21.02 14.64
CA SER A 352 -17.64 20.11 15.56
C SER A 352 -16.51 20.83 16.30
N LYS A 353 -16.55 20.76 17.62
CA LYS A 353 -15.56 21.41 18.46
C LYS A 353 -14.61 20.36 18.95
N ILE A 354 -14.70 19.12 18.43
CA ILE A 354 -13.74 18.08 18.81
C ILE A 354 -12.40 18.40 18.13
N THR A 355 -11.35 18.01 18.82
CA THR A 355 -10.02 18.55 18.73
C THR A 355 -9.12 17.45 18.16
N LYS A 356 -8.33 17.76 17.15
CA LYS A 356 -7.37 16.80 16.66
C LYS A 356 -6.09 17.46 16.19
N PRO A 357 -4.95 16.75 16.29
CA PRO A 357 -3.66 17.18 15.72
C PRO A 357 -3.76 17.61 14.27
N ASN A 358 -2.78 18.40 13.82
CA ASN A 358 -2.78 18.94 12.44
C ASN A 358 -2.09 17.99 11.41
N VAL A 359 -2.62 16.77 11.38
CA VAL A 359 -2.25 15.71 10.47
C VAL A 359 -3.57 15.42 9.72
N TYR A 360 -3.47 15.39 8.39
CA TYR A 360 -4.65 15.28 7.50
C TYR A 360 -5.60 14.19 8.01
N HIS A 361 -5.04 13.02 8.30
CA HIS A 361 -5.85 11.90 8.75
C HIS A 361 -6.56 12.27 10.03
N GLU A 362 -5.85 12.87 10.96
CA GLU A 362 -6.39 13.20 12.25
C GLU A 362 -7.48 14.25 12.07
N SER A 363 -7.22 15.28 11.28
CA SER A 363 -8.23 16.33 11.15
C SER A 363 -9.58 15.81 10.67
N LYS A 364 -9.59 14.79 9.82
CA LYS A 364 -10.84 14.20 9.31
C LYS A 364 -11.61 13.51 10.41
N LEU A 365 -10.88 12.94 11.36
CA LEU A 365 -11.55 12.33 12.50
C LEU A 365 -12.29 13.31 13.38
N ALA A 366 -12.06 14.60 13.25
CA ALA A 366 -12.85 15.55 14.03
C ALA A 366 -14.28 15.60 13.56
N ALA A 367 -14.53 15.12 12.35
CA ALA A 367 -15.84 15.14 11.76
C ALA A 367 -16.57 13.87 12.17
N LYS A 368 -16.89 13.78 13.47
CA LYS A 368 -17.46 12.58 14.13
C LYS A 368 -18.75 12.09 13.45
N GLU A 369 -19.66 13.00 13.14
CA GLU A 369 -20.93 12.61 12.59
C GLU A 369 -20.76 12.09 11.15
N TYR A 370 -19.91 12.73 10.36
CA TYR A 370 -19.55 12.20 9.04
C TYR A 370 -18.96 10.79 9.13
N GLN A 371 -18.00 10.61 10.02
CA GLN A 371 -17.36 9.29 10.20
C GLN A 371 -18.39 8.26 10.60
N ALA A 372 -19.37 8.66 11.41
CA ALA A 372 -20.45 7.78 11.75
C ALA A 372 -21.35 7.46 10.56
N ALA A 373 -21.72 8.46 9.77
CA ALA A 373 -22.49 8.18 8.55
C ALA A 373 -21.75 7.19 7.64
N LYS A 374 -20.44 7.34 7.59
CA LYS A 374 -19.58 6.54 6.74
C LYS A 374 -19.61 5.06 7.15
N ALA A 375 -19.56 4.84 8.45
CA ALA A 375 -19.69 3.55 9.04
C ALA A 375 -21.08 2.91 8.77
N ARG A 376 -22.14 3.71 8.81
CA ARG A 376 -23.47 3.21 8.46
C ARG A 376 -23.52 2.72 6.98
N LEU A 377 -22.92 3.53 6.11
CA LEU A 377 -22.75 3.18 4.72
C LEU A 377 -22.02 1.85 4.59
N PHE A 378 -20.83 1.74 5.17
CA PHE A 378 -20.03 0.51 5.03
C PHE A 378 -20.76 -0.71 5.55
N THR A 379 -21.53 -0.54 6.63
CA THR A 379 -22.33 -1.63 7.18
C THR A 379 -23.53 -1.99 6.27
N ALA A 380 -24.15 -0.98 5.66
CA ALA A 380 -25.29 -1.21 4.77
C ALA A 380 -24.88 -2.10 3.64
N PHE A 381 -23.71 -1.82 3.07
CA PHE A 381 -23.21 -2.59 1.96
C PHE A 381 -22.87 -4.05 2.40
N ILE A 382 -22.15 -4.19 3.51
CA ILE A 382 -21.84 -5.50 4.05
C ILE A 382 -23.09 -6.37 4.34
N LYS A 383 -24.06 -5.80 5.04
CA LYS A 383 -25.28 -6.52 5.40
C LYS A 383 -26.19 -6.87 4.22
N ALA A 384 -26.15 -6.06 3.19
CA ALA A 384 -26.86 -6.31 1.98
C ALA A 384 -26.14 -7.36 1.12
N GLY A 385 -24.96 -7.81 1.53
CA GLY A 385 -24.20 -8.86 0.83
C GLY A 385 -23.40 -8.31 -0.35
N LEU A 386 -23.07 -7.03 -0.28
CA LEU A 386 -22.44 -6.30 -1.38
C LEU A 386 -20.96 -6.00 -1.20
N GLY A 387 -20.34 -6.58 -0.20
CA GLY A 387 -18.91 -6.38 0.04
C GLY A 387 -18.56 -5.29 1.05
N ALA A 388 -17.30 -5.34 1.49
CA ALA A 388 -16.65 -4.38 2.34
C ALA A 388 -15.83 -3.37 1.52
N TRP A 389 -16.06 -2.10 1.77
CA TRP A 389 -15.39 -0.95 1.13
C TRP A 389 -13.91 -1.09 1.30
N VAL A 390 -13.14 -0.65 0.31
CA VAL A 390 -11.70 -0.91 0.28
C VAL A 390 -10.97 0.42 0.31
N GLU A 391 -10.22 0.64 1.39
CA GLU A 391 -9.59 1.95 1.62
C GLU A 391 -8.17 1.97 1.14
N LYS A 392 -7.59 3.17 1.08
CA LYS A 392 -6.17 3.29 0.76
C LYS A 392 -5.33 2.85 1.93
N PRO A 393 -4.05 2.54 1.70
CA PRO A 393 -3.20 2.27 2.88
C PRO A 393 -3.26 3.40 3.93
N THR A 394 -3.23 3.04 5.21
CA THR A 394 -3.17 4.00 6.36
C THR A 394 -2.23 5.22 6.18
N GLU A 395 -1.04 4.97 5.62
CA GLU A 395 0.03 5.97 5.46
C GLU A 395 -0.30 7.15 4.53
N GLN A 396 -1.24 6.94 3.60
CA GLN A 396 -1.65 7.98 2.63
C GLN A 396 -1.94 9.31 3.29
N ASP A 397 -2.79 9.30 4.30
CA ASP A 397 -3.27 10.53 4.95
C ASP A 397 -2.44 11.00 6.18
N GLN A 398 -1.23 10.46 6.39
CA GLN A 398 -0.47 10.73 7.61
C GLN A 398 0.59 11.81 7.36
N PHE A 399 0.18 13.00 6.91
CA PHE A 399 1.10 14.14 6.62
C PHE A 399 0.59 15.44 7.25
N SER A 400 1.45 16.45 7.35
CA SER A 400 1.04 17.80 7.82
C SER A 400 1.36 18.82 6.78
N LEU A 401 0.98 20.07 7.02
CA LEU A 401 1.24 21.16 6.08
C LEU A 401 2.65 21.74 6.18
N THR A 402 3.09 22.36 5.08
CA THR A 402 4.45 22.91 4.76
C THR A 402 5.12 22.01 3.73
P 8AZ B 13 -15.38 0.36 -20.20
OP2 8AZ B 13 -16.14 0.77 -21.45
OP1 8AZ B 13 -16.23 0.12 -18.98
O5' 8AZ B 13 -14.19 1.43 -19.89
C5' 8AZ B 13 -13.50 2.12 -20.94
C4' 8AZ B 13 -12.81 3.37 -20.43
O4' 8AZ B 13 -13.80 4.25 -19.85
C1' 8AZ B 13 -13.42 4.58 -18.52
N9 8AZ B 13 -14.66 4.85 -17.75
N8 8AZ B 13 -15.68 3.96 -17.62
N7 8AZ B 13 -16.62 4.54 -16.89
C5 8AZ B 13 -16.21 5.80 -16.56
C6 8AZ B 13 -16.78 6.80 -15.62
O6 8AZ B 13 -16.75 6.32 -14.25
N1 8AZ B 13 -15.97 8.02 -15.79
C2 8AZ B 13 -14.75 8.10 -16.37
N3 8AZ B 13 -14.17 7.14 -17.05
C4 8AZ B 13 -14.95 6.02 -17.12
C2' 8AZ B 13 -12.59 3.43 -18.03
O2' 8AZ B 13 -11.80 3.76 -16.89
C3' 8AZ B 13 -11.81 3.11 -19.31
O3' 8AZ B 13 -10.77 4.07 -19.48
N LEU D 21 35.22 -0.31 -3.23
CA LEU D 21 34.42 0.89 -3.68
C LEU D 21 32.90 0.58 -3.73
N PRO D 22 32.11 1.18 -2.83
CA PRO D 22 30.70 0.85 -2.61
C PRO D 22 29.85 0.43 -3.81
N GLN D 23 29.79 1.25 -4.85
CA GLN D 23 28.84 1.04 -5.97
C GLN D 23 29.18 -0.12 -6.92
N VAL D 24 30.45 -0.50 -6.99
CA VAL D 24 30.91 -1.50 -7.95
C VAL D 24 30.80 -2.89 -7.29
N LEU D 25 31.15 -2.96 -5.99
CA LEU D 25 30.80 -4.09 -5.11
C LEU D 25 29.33 -4.43 -5.27
N ALA D 26 28.46 -3.44 -5.06
CA ALA D 26 27.01 -3.62 -5.15
C ALA D 26 26.63 -4.17 -6.51
N ASP D 27 27.22 -3.60 -7.57
CA ASP D 27 26.95 -4.08 -8.93
C ASP D 27 27.43 -5.52 -9.12
N ALA D 28 28.58 -5.87 -8.56
CA ALA D 28 29.08 -7.25 -8.69
C ALA D 28 28.22 -8.28 -7.92
N VAL D 29 27.83 -7.96 -6.66
CA VAL D 29 27.04 -8.93 -5.88
C VAL D 29 25.69 -9.18 -6.58
N SER D 30 25.10 -8.11 -7.13
CA SER D 30 23.85 -8.23 -7.85
C SER D 30 23.97 -9.07 -9.12
N ARG D 31 25.04 -8.90 -9.91
CA ARG D 31 25.29 -9.76 -11.12
C ARG D 31 25.61 -11.19 -10.68
N LEU D 32 26.43 -11.32 -9.63
CA LEU D 32 26.71 -12.64 -9.07
C LEU D 32 25.43 -13.42 -8.68
N VAL D 33 24.53 -12.77 -7.94
CA VAL D 33 23.31 -13.45 -7.47
C VAL D 33 22.39 -13.78 -8.63
N LEU D 34 22.11 -12.78 -9.47
CA LEU D 34 21.29 -13.00 -10.68
C LEU D 34 21.95 -14.05 -11.62
N GLY D 35 23.29 -14.03 -11.74
CA GLY D 35 24.03 -15.04 -12.51
C GLY D 35 23.73 -16.45 -12.04
N LYS D 36 23.93 -16.69 -10.75
CA LYS D 36 23.72 -18.02 -10.20
C LYS D 36 22.28 -18.42 -10.30
N PHE D 37 21.37 -17.45 -10.08
CA PHE D 37 19.95 -17.72 -10.22
C PHE D 37 19.65 -18.26 -11.60
N GLY D 38 20.32 -17.70 -12.62
CA GLY D 38 20.26 -18.18 -14.01
C GLY D 38 20.71 -19.62 -14.22
N ASP D 39 21.89 -19.99 -13.71
CA ASP D 39 22.41 -21.37 -13.80
C ASP D 39 21.42 -22.36 -13.15
N LEU D 40 20.75 -21.93 -12.09
CA LEU D 40 19.84 -22.76 -11.33
C LEU D 40 18.46 -22.92 -11.98
N THR D 41 18.21 -22.23 -13.09
CA THR D 41 16.90 -22.22 -13.73
C THR D 41 16.96 -22.33 -15.27
N ASP D 42 18.02 -22.95 -15.80
CA ASP D 42 18.24 -23.10 -17.24
C ASP D 42 18.16 -21.74 -17.94
N ASN D 43 19.06 -20.85 -17.57
CA ASN D 43 19.01 -19.45 -17.99
C ASN D 43 17.57 -18.88 -17.92
N PHE D 44 16.98 -18.87 -16.73
CA PHE D 44 15.67 -18.22 -16.44
C PHE D 44 14.48 -18.75 -17.25
N SER D 45 14.57 -19.99 -17.76
CA SER D 45 13.57 -20.57 -18.66
C SER D 45 12.54 -21.39 -17.89
N SER D 46 13.00 -22.12 -16.89
CA SER D 46 12.16 -23.00 -16.08
C SER D 46 11.09 -22.18 -15.35
N PRO D 47 9.86 -22.72 -15.23
CA PRO D 47 8.77 -21.90 -14.67
C PRO D 47 8.82 -21.75 -13.13
N HIS D 48 9.83 -22.35 -12.48
CA HIS D 48 10.26 -22.03 -11.10
C HIS D 48 11.17 -20.77 -11.01
N ALA D 49 11.65 -20.24 -12.14
CA ALA D 49 12.33 -18.92 -12.16
C ALA D 49 11.38 -17.74 -12.04
N ARG D 50 10.07 -18.00 -12.13
CA ARG D 50 9.05 -16.95 -11.98
C ARG D 50 9.08 -16.42 -10.52
N ARG D 51 9.32 -15.11 -10.39
CA ARG D 51 9.67 -14.51 -9.11
C ARG D 51 9.33 -13.05 -9.06
N LYS D 52 8.83 -12.59 -7.92
CA LYS D 52 8.68 -11.15 -7.68
C LYS D 52 9.92 -10.56 -6.98
N VAL D 53 10.46 -11.27 -6.00
CA VAL D 53 11.68 -10.84 -5.31
C VAL D 53 12.73 -11.93 -5.40
N LEU D 54 13.96 -11.52 -5.75
CA LEU D 54 15.14 -12.37 -5.70
C LEU D 54 16.04 -11.87 -4.58
N ALA D 55 16.51 -12.79 -3.72
CA ALA D 55 17.58 -12.48 -2.74
C ALA D 55 18.76 -13.38 -2.94
N GLY D 56 19.86 -12.99 -2.33
CA GLY D 56 21.02 -13.90 -2.22
C GLY D 56 22.07 -13.41 -1.26
N VAL D 57 23.02 -14.29 -0.96
CA VAL D 57 24.18 -13.94 -0.12
C VAL D 57 25.47 -14.22 -0.87
N VAL D 58 26.37 -13.24 -0.88
CA VAL D 58 27.71 -13.41 -1.41
C VAL D 58 28.75 -13.24 -0.30
N MET D 59 29.76 -14.13 -0.32
CA MET D 59 30.92 -14.09 0.58
C MET D 59 32.16 -13.55 -0.15
N THR D 60 32.98 -12.79 0.56
CA THR D 60 34.21 -12.29 0.04
C THR D 60 35.30 -12.57 1.04
N THR D 61 36.43 -13.05 0.52
CA THR D 61 37.64 -13.27 1.32
C THR D 61 38.68 -12.34 0.78
N GLY D 62 39.56 -11.90 1.67
CA GLY D 62 40.49 -10.81 1.41
C GLY D 62 39.78 -9.52 1.02
N THR D 63 40.59 -8.53 0.63
CA THR D 63 40.09 -7.26 0.08
C THR D 63 39.99 -7.27 -1.48
N ASP D 64 40.57 -8.28 -2.15
CA ASP D 64 40.50 -8.31 -3.61
C ASP D 64 39.12 -8.79 -4.05
N VAL D 65 38.64 -8.13 -5.10
CA VAL D 65 37.21 -8.05 -5.43
C VAL D 65 36.70 -9.19 -6.38
N LYS D 66 37.52 -10.22 -6.57
CA LYS D 66 37.22 -11.34 -7.47
C LYS D 66 37.32 -12.69 -6.74
N ASP D 67 37.52 -12.65 -5.41
CA ASP D 67 37.49 -13.84 -4.53
C ASP D 67 36.13 -13.84 -3.79
N ALA D 68 35.08 -14.02 -4.61
CA ALA D 68 33.69 -13.82 -4.23
C ALA D 68 32.88 -15.03 -4.64
N LYS D 69 32.12 -15.58 -3.70
CA LYS D 69 31.44 -16.82 -3.89
C LYS D 69 29.96 -16.56 -3.58
N VAL D 70 29.08 -17.10 -4.41
CA VAL D 70 27.67 -17.00 -4.15
C VAL D 70 27.33 -18.11 -3.17
N ILE D 71 27.03 -17.74 -1.92
CA ILE D 71 26.68 -18.68 -0.87
C ILE D 71 25.26 -19.19 -1.03
N SER D 72 24.34 -18.27 -1.30
CA SER D 72 22.93 -18.65 -1.40
C SER D 72 22.09 -17.74 -2.28
N VAL D 73 20.97 -18.32 -2.72
CA VAL D 73 20.05 -17.74 -3.69
C VAL D 73 18.64 -18.15 -3.28
N SER D 74 17.73 -17.18 -3.21
CA SER D 74 16.35 -17.47 -2.86
C SER D 74 15.39 -16.50 -3.55
N THR D 75 14.12 -16.88 -3.50
CA THR D 75 13.01 -16.07 -4.00
C THR D 75 11.79 -16.33 -3.11
N GLY D 76 10.77 -15.48 -3.24
CA GLY D 76 9.52 -15.65 -2.52
C GLY D 76 9.07 -14.33 -1.94
N THR D 77 7.75 -14.12 -1.85
CA THR D 77 7.18 -12.94 -1.20
C THR D 77 6.01 -13.25 -0.27
N LYS D 78 5.86 -14.51 0.18
CA LYS D 78 4.67 -14.94 0.92
C LYS D 78 4.98 -15.71 2.22
N CYS D 79 4.10 -15.57 3.21
CA CYS D 79 4.21 -16.21 4.51
C CYS D 79 3.24 -17.35 4.61
N ILE D 80 3.51 -18.23 5.55
CA ILE D 80 2.64 -19.37 5.80
C ILE D 80 1.28 -18.87 6.24
N ASN D 81 0.27 -19.44 5.61
CA ASN D 81 -1.10 -19.26 6.00
C ASN D 81 -1.20 -19.90 7.40
N GLY D 82 -1.46 -19.09 8.43
CA GLY D 82 -1.41 -19.51 9.86
C GLY D 82 -1.90 -20.89 10.27
N GLU D 83 -2.98 -21.37 9.64
CA GLU D 83 -3.58 -22.70 9.89
C GLU D 83 -2.65 -23.92 9.62
N TYR D 84 -1.59 -23.73 8.84
CA TYR D 84 -0.61 -24.82 8.59
C TYR D 84 0.62 -24.84 9.54
N MET D 85 0.79 -23.79 10.37
CA MET D 85 1.99 -23.66 11.23
C MET D 85 2.17 -24.93 12.08
N SER D 86 3.38 -25.52 12.05
CA SER D 86 3.67 -26.76 12.82
C SER D 86 4.22 -26.42 14.22
N ASP D 87 3.77 -27.18 15.21
CA ASP D 87 4.37 -27.17 16.55
C ASP D 87 5.47 -28.25 16.65
N ARG D 88 5.75 -28.91 15.51
CA ARG D 88 6.85 -29.85 15.34
C ARG D 88 8.10 -29.21 14.68
N GLY D 89 7.95 -28.00 14.14
CA GLY D 89 9.04 -27.33 13.43
C GLY D 89 9.40 -27.92 12.06
N LEU D 90 8.44 -28.60 11.41
CA LEU D 90 8.65 -29.25 10.08
C LEU D 90 8.09 -28.43 8.88
N ALA D 91 7.80 -27.14 9.11
CA ALA D 91 7.22 -26.25 8.12
C ALA D 91 7.70 -24.78 8.31
N LEU D 92 7.93 -24.09 7.20
CA LEU D 92 8.45 -22.71 7.21
C LEU D 92 7.41 -21.63 7.46
N ASN D 93 7.66 -20.79 8.45
CA ASN D 93 6.82 -19.64 8.73
C ASN D 93 6.86 -18.56 7.66
N ASP D 94 8.06 -18.20 7.22
CA ASP D 94 8.31 -16.99 6.44
C ASP D 94 9.21 -17.23 5.20
N CYS D 95 8.63 -17.15 4.01
CA CYS D 95 9.35 -17.40 2.74
C CYS D 95 9.66 -16.15 1.93
N HIS D 96 9.63 -14.96 2.55
CA HIS D 96 10.18 -13.79 1.90
C HIS D 96 11.63 -14.10 1.58
N ALA D 97 12.05 -13.87 0.32
CA ALA D 97 13.41 -14.26 -0.14
C ALA D 97 14.55 -13.96 0.85
N GLU D 98 14.66 -12.70 1.25
CA GLU D 98 15.70 -12.29 2.18
C GLU D 98 15.78 -13.23 3.40
N ILE D 99 14.63 -13.60 3.95
CA ILE D 99 14.58 -14.50 5.09
C ILE D 99 15.07 -15.89 4.72
N ILE D 100 14.59 -16.41 3.60
CA ILE D 100 15.06 -17.71 3.11
C ILE D 100 16.55 -17.72 2.80
N SER D 101 17.07 -16.60 2.31
CA SER D 101 18.47 -16.57 1.96
C SER D 101 19.35 -16.73 3.19
N ARG D 102 18.96 -16.10 4.30
CA ARG D 102 19.71 -16.24 5.56
C ARG D 102 19.72 -17.66 6.04
N ARG D 103 18.57 -18.28 5.98
CA ARG D 103 18.46 -19.65 6.44
C ARG D 103 19.41 -20.56 5.67
N SER D 104 19.54 -20.32 4.36
CA SER D 104 20.47 -21.02 3.49
C SER D 104 21.93 -20.73 3.89
N LEU D 105 22.23 -19.48 4.20
CA LEU D 105 23.52 -19.19 4.85
C LEU D 105 23.76 -20.08 6.06
N LEU D 106 22.75 -20.25 6.94
CA LEU D 106 22.94 -21.07 8.15
C LEU D 106 23.45 -22.44 7.78
N ARG D 107 22.85 -23.05 6.76
CA ARG D 107 23.35 -24.32 6.24
C ARG D 107 24.82 -24.30 5.81
N PHE D 108 25.26 -23.21 5.19
CA PHE D 108 26.66 -23.03 4.81
C PHE D 108 27.53 -23.01 6.06
N LEU D 109 27.11 -22.23 7.06
CA LEU D 109 27.88 -22.11 8.29
C LEU D 109 28.02 -23.48 9.02
N TYR D 110 27.01 -24.33 8.94
CA TYR D 110 27.09 -25.66 9.55
C TYR D 110 28.13 -26.52 8.79
N THR D 111 28.00 -26.57 7.46
CA THR D 111 28.96 -27.27 6.60
C THR D 111 30.43 -26.87 6.86
N GLN D 112 30.63 -25.59 7.12
CA GLN D 112 31.97 -25.06 7.34
C GLN D 112 32.47 -25.38 8.75
N LEU D 113 31.56 -25.58 9.70
CA LEU D 113 31.93 -26.15 11.00
C LEU D 113 32.21 -27.63 10.88
N GLU D 114 31.37 -28.38 10.15
CA GLU D 114 31.64 -29.80 9.92
C GLU D 114 32.96 -29.99 9.19
N LEU D 115 33.32 -29.03 8.34
CA LEU D 115 34.57 -29.10 7.58
C LEU D 115 35.78 -29.04 8.51
N TYR D 116 35.82 -28.01 9.35
CA TYR D 116 36.88 -27.83 10.35
C TYR D 116 37.10 -29.04 11.25
N LEU D 117 36.02 -29.49 11.85
CA LEU D 117 36.04 -30.56 12.85
C LEU D 117 36.38 -31.95 12.33
N ASN D 118 35.90 -32.29 11.12
CA ASN D 118 36.02 -33.64 10.54
C ASN D 118 37.43 -34.05 10.14
N ASN D 119 38.33 -33.08 9.97
CA ASN D 119 39.67 -33.39 9.57
C ASN D 119 40.61 -32.24 9.94
N LYS D 120 41.78 -32.59 10.50
CA LYS D 120 42.81 -31.61 10.86
C LYS D 120 43.33 -30.91 9.61
N ASP D 121 43.47 -31.69 8.52
CA ASP D 121 43.83 -31.13 7.20
C ASP D 121 42.88 -30.04 6.72
N ASP D 122 41.58 -30.27 6.85
CA ASP D 122 40.55 -29.34 6.34
C ASP D 122 40.28 -28.07 7.16
N GLN D 123 40.90 -27.91 8.31
CA GLN D 123 40.84 -26.65 9.07
C GLN D 123 41.28 -25.44 8.25
N LYS D 124 42.33 -25.61 7.43
CA LYS D 124 42.84 -24.52 6.59
C LYS D 124 41.84 -24.09 5.50
N ARG D 125 40.98 -25.02 5.05
CA ARG D 125 39.97 -24.74 4.03
C ARG D 125 38.67 -24.12 4.55
N SER D 126 38.39 -24.23 5.86
CA SER D 126 37.16 -23.69 6.47
C SER D 126 37.21 -22.17 6.74
N ILE D 127 36.06 -21.54 6.65
CA ILE D 127 35.94 -20.12 7.03
C ILE D 127 36.18 -19.90 8.53
N PHE D 128 35.96 -20.96 9.33
CA PHE D 128 36.12 -20.86 10.79
C PHE D 128 37.52 -21.20 11.30
N GLN D 129 37.82 -20.65 12.46
CA GLN D 129 39.02 -20.91 13.22
C GLN D 129 38.66 -20.85 14.73
N LYS D 130 39.41 -21.57 15.57
CA LYS D 130 39.29 -21.44 17.04
C LYS D 130 39.46 -19.99 17.47
N SER D 131 38.64 -19.59 18.41
CA SER D 131 38.68 -18.22 18.91
C SER D 131 39.40 -18.19 20.26
N GLU D 132 40.17 -17.14 20.49
CA GLU D 132 40.85 -16.89 21.78
C GLU D 132 39.88 -16.85 22.96
N ARG D 133 38.66 -16.37 22.71
CA ARG D 133 37.64 -16.23 23.77
C ARG D 133 36.88 -17.54 24.05
N GLY D 134 37.03 -18.55 23.20
CA GLY D 134 36.30 -19.83 23.32
C GLY D 134 35.60 -20.10 22.00
N GLY D 135 35.19 -21.36 21.79
CA GLY D 135 34.47 -21.76 20.57
C GLY D 135 35.17 -21.49 19.24
N PHE D 136 34.51 -20.70 18.38
CA PHE D 136 35.04 -20.33 17.04
C PHE D 136 34.71 -18.88 16.66
N ARG D 137 35.43 -18.37 15.67
CA ARG D 137 35.07 -17.13 15.02
C ARG D 137 35.44 -17.27 13.53
N LEU D 138 35.16 -16.25 12.74
CA LEU D 138 35.54 -16.27 11.33
C LEU D 138 37.00 -15.93 11.23
N LYS D 139 37.64 -16.45 10.18
CA LYS D 139 38.95 -15.95 9.75
C LYS D 139 38.76 -14.51 9.32
N GLU D 140 39.64 -13.60 9.75
CA GLU D 140 39.49 -12.18 9.38
C GLU D 140 39.49 -12.01 7.87
N ASN D 141 38.87 -10.92 7.45
CA ASN D 141 38.58 -10.61 6.04
C ASN D 141 37.46 -11.45 5.41
N VAL D 142 36.93 -12.48 6.08
CA VAL D 142 35.74 -13.20 5.56
C VAL D 142 34.52 -12.34 5.85
N GLN D 143 33.82 -11.96 4.81
CA GLN D 143 32.68 -11.07 4.90
C GLN D 143 31.49 -11.64 4.13
N PHE D 144 30.30 -11.33 4.62
CA PHE D 144 29.04 -11.70 3.99
C PHE D 144 28.22 -10.46 3.57
N HIS D 145 27.66 -10.51 2.34
CA HIS D 145 26.90 -9.38 1.76
C HIS D 145 25.49 -9.85 1.37
N LEU D 146 24.48 -9.06 1.74
CA LEU D 146 23.09 -9.36 1.42
C LEU D 146 22.66 -8.65 0.16
N TYR D 147 22.09 -9.40 -0.80
CA TYR D 147 21.36 -8.84 -1.94
C TYR D 147 19.87 -9.13 -1.82
N ILE D 148 19.05 -8.10 -1.98
CA ILE D 148 17.59 -8.26 -2.15
C ILE D 148 17.21 -7.43 -3.38
N SER D 149 16.27 -7.90 -4.19
CA SER D 149 15.95 -7.23 -5.44
C SER D 149 15.03 -6.01 -5.24
N THR D 150 14.42 -5.89 -4.06
CA THR D 150 13.76 -4.63 -3.67
C THR D 150 14.03 -4.34 -2.18
N SER D 151 13.64 -3.17 -1.73
CA SER D 151 13.77 -2.83 -0.32
C SER D 151 12.93 -3.83 0.50
N PRO D 152 13.45 -4.24 1.67
CA PRO D 152 12.73 -5.20 2.50
C PRO D 152 11.40 -4.68 2.99
N CYS D 153 10.40 -5.55 3.04
CA CYS D 153 9.08 -5.11 3.48
C CYS D 153 9.13 -4.57 4.89
N GLY D 154 8.19 -3.68 5.20
CA GLY D 154 8.10 -2.96 6.46
C GLY D 154 8.72 -1.58 6.41
N ASP D 155 9.28 -1.13 7.54
CA ASP D 155 9.70 0.25 7.68
C ASP D 155 10.56 0.80 6.52
N ALA D 156 11.35 -0.03 5.84
CA ALA D 156 12.29 0.44 4.80
C ALA D 156 11.59 0.94 3.57
N ARG D 157 10.38 0.40 3.35
CA ARG D 157 9.59 0.63 2.15
C ARG D 157 8.40 1.60 2.41
N ILE D 158 8.49 2.46 3.43
CA ILE D 158 7.42 3.44 3.73
C ILE D 158 7.85 4.83 3.31
N PHE D 159 7.88 5.01 2.00
CA PHE D 159 8.21 6.28 1.37
C PHE D 159 7.69 6.33 -0.05
N SER D 160 7.67 7.52 -0.62
CA SER D 160 7.23 7.74 -1.98
C SER D 160 8.41 7.91 -2.94
N PRO D 161 8.67 6.90 -3.77
CA PRO D 161 9.85 7.02 -4.62
C PRO D 161 9.86 8.18 -5.62
N HIS D 162 8.75 8.85 -5.88
CA HIS D 162 8.85 10.06 -6.69
C HIS D 162 8.70 11.39 -5.91
N GLU D 163 8.92 11.36 -4.59
CA GLU D 163 9.05 12.56 -3.75
C GLU D 163 10.43 12.60 -3.11
N PRO D 164 11.08 13.78 -3.09
CA PRO D 164 12.53 13.80 -2.71
C PRO D 164 12.88 13.53 -1.23
N ILE D 165 12.48 14.45 -0.35
CA ILE D 165 12.98 14.66 1.05
C ILE D 165 14.25 15.48 1.00
N ARG D 179 7.73 7.60 11.64
CA ARG D 179 8.82 6.86 11.05
C ARG D 179 9.42 5.91 12.08
N GLY D 180 9.91 4.76 11.62
CA GLY D 180 10.54 3.74 12.47
C GLY D 180 9.67 2.62 13.02
N GLN D 181 8.36 2.69 12.89
CA GLN D 181 7.49 1.69 13.52
C GLN D 181 7.89 0.24 13.17
N LEU D 182 7.93 -0.63 14.18
CA LEU D 182 7.91 -2.09 13.97
C LEU D 182 6.60 -2.47 13.30
N ARG D 183 6.61 -3.55 12.51
CA ARG D 183 5.45 -3.92 11.69
C ARG D 183 5.33 -5.41 11.55
N THR D 184 4.15 -5.85 11.10
CA THR D 184 3.88 -7.26 10.88
C THR D 184 3.43 -7.51 9.46
N LYS D 185 3.70 -8.71 8.96
CA LYS D 185 3.16 -9.14 7.70
C LYS D 185 1.66 -9.34 7.85
N ILE D 186 1.02 -9.32 6.70
CA ILE D 186 -0.43 -9.29 6.54
C ILE D 186 -0.77 -10.73 6.11
N GLU D 187 -2.04 -11.15 6.22
CA GLU D 187 -2.47 -12.53 5.85
C GLU D 187 -1.95 -12.91 4.44
N SER D 188 -0.99 -13.84 4.38
CA SER D 188 -0.21 -14.28 3.17
C SER D 188 0.97 -13.41 2.70
N GLY D 189 1.35 -12.39 3.47
CA GLY D 189 2.69 -11.75 3.36
C GLY D 189 2.98 -10.58 2.40
N TYR D 190 1.99 -10.14 1.61
CA TYR D 190 2.20 -9.17 0.50
C TYR D 190 2.87 -7.87 0.95
N GLY D 191 2.32 -7.27 2.00
CA GLY D 191 2.91 -6.13 2.70
C GLY D 191 2.64 -6.18 4.20
N THR D 192 2.55 -5.03 4.86
CA THR D 192 2.66 -4.95 6.32
C THR D 192 1.80 -3.89 7.01
N ILE D 193 1.55 -4.07 8.31
CA ILE D 193 0.88 -3.04 9.17
C ILE D 193 1.63 -2.85 10.46
N PRO D 194 1.47 -1.70 11.11
CA PRO D 194 2.12 -1.56 12.41
C PRO D 194 1.61 -2.50 13.52
N VAL D 195 2.08 -2.27 14.74
CA VAL D 195 1.70 -3.09 15.89
C VAL D 195 1.05 -2.13 16.90
N ARG D 196 0.20 -2.69 17.78
CA ARG D 196 -0.64 -2.00 18.80
C ARG D 196 -0.68 -0.47 18.74
N LEU D 214 1.16 -14.48 13.13
CA LEU D 214 1.72 -13.13 12.94
C LEU D 214 3.26 -13.07 12.94
N THR D 215 3.84 -12.66 11.82
CA THR D 215 5.30 -12.62 11.59
C THR D 215 5.81 -11.18 11.46
N MET D 216 7.03 -10.90 11.92
CA MET D 216 7.59 -9.57 11.75
C MET D 216 8.09 -9.30 10.33
N SER D 217 8.09 -8.02 9.97
CA SER D 217 8.52 -7.55 8.66
C SER D 217 9.99 -7.86 8.38
N CYS D 218 10.34 -8.09 7.12
CA CYS D 218 11.75 -8.27 6.78
C CYS D 218 12.61 -7.13 7.29
N SER D 219 12.15 -5.89 7.11
CA SER D 219 12.87 -4.70 7.60
C SER D 219 13.25 -4.74 9.11
N ASP D 220 12.35 -5.26 9.92
CA ASP D 220 12.59 -5.43 11.36
C ASP D 220 13.54 -6.59 11.58
N LYS D 221 13.28 -7.74 10.93
CA LYS D 221 14.18 -8.90 11.06
C LYS D 221 15.64 -8.59 10.72
N ILE D 222 15.89 -7.68 9.77
CA ILE D 222 17.26 -7.39 9.37
C ILE D 222 17.86 -6.38 10.35
N ALA D 223 17.02 -5.52 10.92
CA ALA D 223 17.44 -4.68 12.05
C ALA D 223 17.84 -5.57 13.24
N ARG D 224 17.03 -6.59 13.50
CA ARG D 224 17.40 -7.61 14.47
C ARG D 224 18.79 -8.16 14.18
N TRP D 225 19.03 -8.60 12.94
CA TRP D 225 20.32 -9.22 12.57
C TRP D 225 21.51 -8.24 12.62
N ASN D 226 21.23 -6.96 12.70
CA ASN D 226 22.28 -6.00 12.92
C ASN D 226 22.53 -5.73 14.42
N VAL D 227 21.99 -6.60 15.30
CA VAL D 227 22.28 -6.55 16.72
C VAL D 227 22.72 -7.94 17.21
N VAL D 228 21.86 -8.96 17.06
CA VAL D 228 22.19 -10.35 17.49
C VAL D 228 23.02 -11.19 16.48
N GLY D 229 23.46 -10.56 15.40
CA GLY D 229 24.10 -11.25 14.29
C GLY D 229 23.12 -11.99 13.40
N ILE D 230 23.65 -12.67 12.39
CA ILE D 230 22.85 -13.41 11.41
C ILE D 230 22.82 -14.90 11.67
N GLN D 231 23.61 -15.38 12.63
CA GLN D 231 23.77 -16.85 12.85
C GLN D 231 22.63 -17.50 13.64
N GLY D 232 21.87 -16.67 14.37
CA GLY D 232 20.80 -17.13 15.24
C GLY D 232 21.34 -17.58 16.59
N SER D 233 20.43 -18.06 17.42
CA SER D 233 20.74 -18.39 18.81
C SER D 233 21.51 -19.73 18.88
N LEU D 234 21.01 -20.75 18.18
CA LEU D 234 21.63 -22.09 18.19
C LEU D 234 23.12 -22.07 17.79
N LEU D 235 23.43 -21.42 16.69
CA LEU D 235 24.81 -21.35 16.26
C LEU D 235 25.71 -20.51 17.19
N SER D 236 25.14 -19.64 18.03
CA SER D 236 25.97 -18.78 18.93
C SER D 236 26.63 -19.59 20.07
N ILE D 237 26.07 -20.76 20.33
CA ILE D 237 26.68 -21.72 21.22
C ILE D 237 28.04 -22.17 20.69
N PHE D 238 28.10 -22.41 19.37
CA PHE D 238 29.37 -22.74 18.67
C PHE D 238 30.25 -21.58 18.19
N VAL D 239 29.69 -20.42 17.79
CA VAL D 239 30.50 -19.31 17.15
C VAL D 239 30.11 -17.91 17.63
N GLU D 240 30.99 -16.96 17.35
CA GLU D 240 30.79 -15.57 17.74
C GLU D 240 29.79 -14.93 16.75
N PRO D 241 29.31 -13.70 17.07
CA PRO D 241 28.30 -13.10 16.22
C PRO D 241 28.88 -12.69 14.88
N ILE D 242 28.12 -13.00 13.84
CA ILE D 242 28.46 -12.72 12.46
C ILE D 242 27.42 -11.73 11.91
N TYR D 243 27.92 -10.71 11.25
CA TYR D 243 27.11 -9.62 10.77
C TYR D 243 27.34 -9.43 9.27
N PHE D 244 26.29 -8.97 8.58
CA PHE D 244 26.43 -8.47 7.21
C PHE D 244 27.24 -7.16 7.16
N SER D 245 28.23 -7.12 6.25
CA SER D 245 29.00 -5.92 5.97
C SER D 245 28.30 -5.08 4.91
N SER D 246 27.40 -5.70 4.13
CA SER D 246 26.60 -4.99 3.12
C SER D 246 25.09 -5.40 3.05
N ILE D 247 24.25 -4.41 2.74
CA ILE D 247 22.90 -4.67 2.25
C ILE D 247 22.74 -3.94 0.90
N ILE D 248 22.59 -4.71 -0.19
CA ILE D 248 22.43 -4.20 -1.56
C ILE D 248 21.01 -4.36 -2.08
N LEU D 249 20.49 -3.28 -2.66
CA LEU D 249 19.11 -3.21 -3.11
C LEU D 249 18.95 -2.93 -4.61
N GLY D 250 18.23 -3.81 -5.28
CA GLY D 250 18.01 -3.70 -6.70
C GLY D 250 16.96 -2.69 -7.09
N SER D 251 16.12 -2.30 -6.15
CA SER D 251 15.09 -1.32 -6.40
C SER D 251 14.61 -0.78 -5.08
N LEU D 252 14.05 0.44 -5.13
CA LEU D 252 13.53 1.16 -3.98
C LEU D 252 14.60 1.45 -2.94
N TYR D 253 15.82 1.66 -3.43
CA TYR D 253 16.88 2.10 -2.55
C TYR D 253 16.54 3.50 -2.16
N HIS D 254 16.58 3.80 -0.88
CA HIS D 254 16.58 5.17 -0.43
C HIS D 254 17.40 5.19 0.82
N GLY D 255 18.55 5.86 0.74
CA GLY D 255 19.52 5.95 1.82
C GLY D 255 18.93 6.19 3.20
N ASP D 256 18.17 7.29 3.34
CA ASP D 256 17.60 7.69 4.64
C ASP D 256 16.63 6.67 5.21
N HIS D 257 15.73 6.17 4.38
CA HIS D 257 14.73 5.25 4.89
C HIS D 257 15.33 3.89 5.23
N LEU D 258 16.20 3.41 4.34
CA LEU D 258 16.85 2.14 4.58
C LEU D 258 17.78 2.25 5.81
N SER D 259 18.60 3.33 5.86
CA SER D 259 19.46 3.59 7.03
C SER D 259 18.66 3.61 8.31
N ARG D 260 17.54 4.32 8.29
CA ARG D 260 16.64 4.32 9.43
C ARG D 260 16.25 2.90 9.75
N ALA D 261 15.74 2.20 8.75
CA ALA D 261 15.17 0.87 8.91
C ALA D 261 16.14 -0.14 9.43
N MET D 262 17.37 -0.10 8.89
CA MET D 262 18.39 -1.12 9.17
C MET D 262 19.11 -1.00 10.53
N TYR D 263 19.27 0.22 11.04
CA TYR D 263 19.90 0.43 12.36
C TYR D 263 19.59 1.75 13.12
N GLN D 264 19.65 2.89 12.40
CA GLN D 264 19.61 4.26 12.96
C GLN D 264 18.40 4.54 13.87
N ARG D 265 17.29 3.85 13.59
CA ARG D 265 16.10 3.93 14.44
C ARG D 265 16.26 3.31 15.83
N ILE D 266 17.41 2.68 16.13
CA ILE D 266 17.65 2.11 17.48
C ILE D 266 19.07 2.37 18.01
N SER D 267 19.62 3.54 17.69
CA SER D 267 20.85 4.03 18.34
C SER D 267 20.71 4.05 19.86
N ASN D 268 19.53 4.41 20.35
CA ASN D 268 19.22 4.35 21.78
C ASN D 268 19.31 2.96 22.46
N ILE D 269 19.70 1.91 21.72
CA ILE D 269 20.08 0.64 22.34
C ILE D 269 21.24 0.86 23.31
N GLU D 270 21.33 0.04 24.35
CA GLU D 270 22.18 0.38 25.50
C GLU D 270 23.34 -0.57 25.80
N ASP D 271 23.10 -1.62 26.55
CA ASP D 271 24.21 -2.40 27.10
C ASP D 271 24.24 -3.80 26.51
N LEU D 272 24.82 -3.84 25.30
CA LEU D 272 25.03 -5.07 24.54
C LEU D 272 26.12 -5.91 25.17
N PRO D 273 25.97 -7.25 25.15
CA PRO D 273 27.07 -8.10 25.64
C PRO D 273 28.41 -7.93 24.86
N PRO D 274 29.49 -8.59 25.35
CA PRO D 274 30.73 -8.52 24.60
C PRO D 274 30.64 -9.33 23.29
N LEU D 275 31.19 -8.72 22.25
CA LEU D 275 31.16 -9.17 20.83
C LEU D 275 30.01 -8.60 19.98
N TYR D 276 28.88 -8.26 20.62
CA TYR D 276 27.70 -7.74 19.94
C TYR D 276 27.75 -6.23 19.80
N THR D 277 27.48 -5.72 18.59
CA THR D 277 27.43 -4.28 18.31
C THR D 277 26.10 -3.95 17.65
N LEU D 278 25.81 -2.67 17.50
CA LEU D 278 24.82 -2.22 16.55
C LEU D 278 25.56 -2.06 15.24
N ASN D 279 25.48 -3.12 14.43
CA ASN D 279 26.08 -3.20 13.11
C ASN D 279 25.40 -2.28 12.09
N LYS D 280 26.21 -1.52 11.36
CA LYS D 280 25.75 -0.50 10.43
C LYS D 280 26.32 -0.86 9.08
N PRO D 281 25.66 -1.80 8.37
CA PRO D 281 26.25 -2.24 7.13
C PRO D 281 26.32 -1.13 6.14
N LEU D 282 27.17 -1.30 5.14
CA LEU D 282 27.13 -0.43 3.99
C LEU D 282 25.82 -0.72 3.30
N LEU D 283 25.14 0.34 2.88
CA LEU D 283 23.89 0.30 2.11
C LEU D 283 24.12 0.82 0.69
N SER D 284 23.46 0.24 -0.30
CA SER D 284 23.59 0.77 -1.67
C SER D 284 22.54 0.16 -2.55
N GLY D 285 22.25 0.86 -3.63
CA GLY D 285 21.45 0.33 -4.71
C GLY D 285 22.35 -0.02 -5.86
N ILE D 286 21.74 -0.51 -6.92
CA ILE D 286 22.48 -0.95 -8.10
C ILE D 286 22.34 0.11 -9.17
N SER D 287 23.30 0.14 -10.09
CA SER D 287 23.31 1.13 -11.16
C SER D 287 22.07 0.98 -12.01
N ASN D 288 21.65 -0.26 -12.23
CA ASN D 288 20.56 -0.54 -13.13
C ASN D 288 19.31 -1.15 -12.44
N ALA D 289 18.59 -0.32 -11.67
CA ALA D 289 17.40 -0.76 -10.89
C ALA D 289 16.29 -1.44 -11.69
N GLU D 290 15.53 -2.28 -10.99
CA GLU D 290 14.47 -3.06 -11.62
C GLU D 290 13.19 -2.23 -11.57
N ALA D 291 12.25 -2.57 -12.45
CA ALA D 291 11.02 -1.80 -12.64
C ALA D 291 9.85 -2.47 -11.95
N ARG D 292 9.05 -1.72 -11.22
CA ARG D 292 7.81 -2.24 -10.67
C ARG D 292 7.04 -2.91 -11.82
N GLN D 293 6.59 -4.17 -11.65
CA GLN D 293 5.61 -4.81 -12.59
C GLN D 293 4.35 -5.28 -11.84
N PRO D 294 3.26 -4.51 -11.93
CA PRO D 294 2.05 -4.90 -11.19
C PRO D 294 1.49 -6.28 -11.55
N GLY D 295 1.16 -7.07 -10.56
CA GLY D 295 0.52 -8.36 -10.81
C GLY D 295 0.45 -9.21 -9.56
N LYS D 296 -0.19 -10.36 -9.68
CA LYS D 296 -0.13 -11.36 -8.62
C LYS D 296 1.30 -11.89 -8.57
N ALA D 297 1.76 -12.11 -7.34
CA ALA D 297 3.06 -12.68 -7.06
C ALA D 297 2.87 -14.18 -7.07
N PRO D 298 3.89 -14.92 -7.55
CA PRO D 298 3.80 -16.38 -7.51
C PRO D 298 3.67 -16.91 -6.08
N ASN D 299 3.20 -18.14 -5.97
CA ASN D 299 2.81 -18.71 -4.70
C ASN D 299 3.92 -19.52 -4.01
N PHE D 300 5.09 -19.60 -4.63
CA PHE D 300 6.17 -20.47 -4.16
C PHE D 300 7.49 -19.71 -3.90
N SER D 301 8.47 -20.43 -3.36
CA SER D 301 9.73 -19.86 -2.90
C SER D 301 10.89 -20.85 -3.16
N VAL D 302 11.89 -20.37 -3.88
CA VAL D 302 13.05 -21.17 -4.25
C VAL D 302 14.15 -20.95 -3.22
N ASN D 303 14.97 -21.98 -2.99
CA ASN D 303 16.26 -21.81 -2.26
C ASN D 303 17.39 -22.71 -2.77
N TRP D 304 18.60 -22.31 -2.43
CA TRP D 304 19.79 -23.01 -2.86
C TRP D 304 20.93 -22.49 -2.02
N THR D 305 21.85 -23.38 -1.66
CA THR D 305 23.06 -23.06 -0.93
C THR D 305 24.24 -23.72 -1.64
N VAL D 306 25.35 -23.01 -1.72
CA VAL D 306 26.54 -23.58 -2.32
C VAL D 306 26.80 -24.98 -1.77
N GLY D 307 26.83 -25.94 -2.68
CA GLY D 307 27.08 -27.33 -2.34
C GLY D 307 25.93 -28.18 -2.80
N ASP D 308 24.73 -27.61 -2.79
CA ASP D 308 23.57 -28.34 -3.29
C ASP D 308 23.63 -28.52 -4.78
N SER D 309 23.04 -29.61 -5.26
CA SER D 309 23.00 -29.92 -6.69
C SER D 309 21.91 -29.13 -7.39
N ALA D 310 20.76 -28.97 -6.74
CA ALA D 310 19.60 -28.31 -7.36
C ALA D 310 18.72 -27.56 -6.35
N ILE D 311 18.09 -26.48 -6.81
CA ILE D 311 17.16 -25.69 -5.99
C ILE D 311 16.11 -26.50 -5.23
N GLU D 312 15.72 -26.02 -4.06
CA GLU D 312 14.51 -26.50 -3.38
C GLU D 312 13.34 -25.53 -3.64
N VAL D 313 12.15 -26.07 -3.87
CA VAL D 313 11.00 -25.29 -4.26
C VAL D 313 9.88 -25.50 -3.23
N ILE D 314 9.46 -24.42 -2.57
CA ILE D 314 8.54 -24.48 -1.43
C ILE D 314 7.24 -23.73 -1.74
N ASN D 315 6.12 -24.33 -1.38
CA ASN D 315 4.84 -23.64 -1.38
C ASN D 315 4.86 -22.72 -0.18
N ALA D 316 4.79 -21.42 -0.42
CA ALA D 316 4.84 -20.44 0.67
C ALA D 316 3.67 -20.56 1.62
N THR D 317 2.51 -20.93 1.07
CA THR D 317 1.25 -21.09 1.82
C THR D 317 1.31 -22.21 2.86
N THR D 318 1.97 -23.31 2.51
CA THR D 318 2.05 -24.52 3.36
C THR D 318 3.33 -24.63 4.17
N GLY D 319 4.39 -23.94 3.73
CA GLY D 319 5.70 -24.00 4.39
C GLY D 319 6.50 -25.26 4.07
N LYS D 320 6.00 -26.00 3.10
CA LYS D 320 6.52 -27.31 2.76
C LYS D 320 6.69 -27.28 1.27
N ASP D 321 7.43 -28.23 0.71
CA ASP D 321 7.58 -28.32 -0.74
C ASP D 321 6.28 -28.76 -1.37
N GLU D 322 6.28 -28.82 -2.71
CA GLU D 322 5.04 -29.11 -3.43
C GLU D 322 4.53 -30.56 -3.25
N LEU D 323 5.39 -31.48 -2.81
CA LEU D 323 4.96 -32.83 -2.47
C LEU D 323 4.72 -33.03 -0.97
N GLY D 324 4.28 -32.01 -0.24
CA GLY D 324 4.02 -32.13 1.21
C GLY D 324 5.16 -32.32 2.23
N ARG D 325 6.43 -32.45 1.80
CA ARG D 325 7.57 -32.81 2.68
C ARG D 325 8.24 -31.59 3.26
N ALA D 326 9.05 -31.80 4.29
CA ALA D 326 9.68 -30.68 4.99
C ALA D 326 10.94 -30.18 4.26
N SER D 327 11.08 -28.85 4.26
CA SER D 327 12.22 -28.17 3.68
C SER D 327 13.48 -28.51 4.46
N ARG D 328 14.63 -28.49 3.79
CA ARG D 328 15.94 -28.46 4.45
C ARG D 328 16.26 -27.18 5.24
N LEU D 329 15.41 -26.15 5.15
CA LEU D 329 15.57 -24.93 5.92
C LEU D 329 14.60 -24.81 7.10
N CYS D 330 13.72 -25.78 7.32
CA CYS D 330 12.81 -25.71 8.48
C CYS D 330 13.55 -25.97 9.80
N LYS D 331 12.89 -25.66 10.91
CA LYS D 331 13.51 -25.74 12.25
C LYS D 331 14.12 -27.11 12.55
N HIS D 332 13.37 -28.16 12.25
CA HIS D 332 13.76 -29.53 12.55
C HIS D 332 15.07 -29.87 11.85
N ALA D 333 15.13 -29.60 10.56
CA ALA D 333 16.32 -29.91 9.75
C ALA D 333 17.53 -29.08 10.21
N LEU D 334 17.34 -27.79 10.48
CA LEU D 334 18.42 -26.97 10.99
C LEU D 334 18.94 -27.47 12.34
N TYR D 335 18.04 -27.92 13.21
CA TYR D 335 18.41 -28.50 14.52
C TYR D 335 19.14 -29.83 14.35
N CYS D 336 18.67 -30.64 13.39
CA CYS D 336 19.33 -31.89 12.99
C CYS D 336 20.83 -31.66 12.71
N ARG D 337 21.11 -30.67 11.85
CA ARG D 337 22.48 -30.22 11.59
C ARG D 337 23.19 -29.78 12.86
N TRP D 338 22.51 -28.98 13.67
CA TRP D 338 23.07 -28.41 14.91
C TRP D 338 23.45 -29.46 15.94
N MET D 339 22.65 -30.51 16.03
CA MET D 339 22.90 -31.61 16.98
C MET D 339 24.12 -32.44 16.53
N ARG D 340 24.25 -32.61 15.21
CA ARG D 340 25.40 -33.31 14.63
C ARG D 340 26.70 -32.61 15.04
N VAL D 341 26.76 -31.30 14.80
CA VAL D 341 27.91 -30.47 15.22
C VAL D 341 28.14 -30.49 16.73
N HIS D 342 27.08 -30.47 17.54
CA HIS D 342 27.19 -30.69 19.00
C HIS D 342 27.89 -32.00 19.36
N GLY D 343 27.49 -33.09 18.70
CA GLY D 343 28.14 -34.38 18.84
C GLY D 343 29.62 -34.41 18.52
N LYS D 344 30.07 -33.54 17.61
CA LYS D 344 31.47 -33.47 17.17
C LYS D 344 32.30 -32.53 18.01
N VAL D 345 31.71 -31.48 18.57
CA VAL D 345 32.50 -30.50 19.35
C VAL D 345 32.66 -31.05 20.76
N PRO D 346 33.83 -30.86 21.40
CA PRO D 346 33.97 -31.27 22.80
C PRO D 346 33.47 -30.20 23.76
N SER D 347 33.06 -30.62 24.96
CA SER D 347 32.48 -29.70 25.96
C SER D 347 33.33 -28.46 26.21
N HIS D 348 34.64 -28.63 26.29
CA HIS D 348 35.51 -27.49 26.61
C HIS D 348 35.45 -26.40 25.55
N LEU D 349 35.23 -26.77 24.27
CA LEU D 349 35.27 -25.78 23.16
C LEU D 349 34.15 -24.74 23.18
N LEU D 350 32.96 -25.15 23.64
CA LEU D 350 31.71 -24.37 23.50
C LEU D 350 31.77 -22.98 24.15
N ARG D 351 30.91 -22.09 23.64
CA ARG D 351 30.80 -20.71 24.13
C ARG D 351 29.72 -20.61 25.19
N SER D 352 28.84 -21.61 25.24
CA SER D 352 27.79 -21.69 26.22
C SER D 352 27.69 -23.14 26.73
N LYS D 353 27.69 -23.27 28.07
CA LYS D 353 27.50 -24.54 28.77
C LYS D 353 26.16 -25.18 28.39
N ILE D 354 26.23 -26.45 27.97
CA ILE D 354 25.07 -27.24 27.56
C ILE D 354 25.59 -28.63 27.24
N THR D 355 24.95 -29.64 27.83
CA THR D 355 25.61 -30.95 28.02
C THR D 355 24.82 -32.10 27.37
N LYS D 356 23.53 -32.22 27.73
CA LYS D 356 22.56 -33.10 27.06
C LYS D 356 21.42 -32.21 26.54
N PRO D 357 21.56 -31.67 25.32
CA PRO D 357 20.44 -30.97 24.63
C PRO D 357 19.38 -31.91 24.04
N ASN D 358 18.12 -31.44 24.03
CA ASN D 358 16.97 -32.29 23.65
C ASN D 358 15.79 -31.51 23.03
N VAL D 359 15.26 -30.57 23.82
CA VAL D 359 14.14 -29.71 23.42
C VAL D 359 14.77 -28.49 22.75
N TYR D 360 14.21 -28.11 21.58
CA TYR D 360 14.72 -27.02 20.75
C TYR D 360 14.77 -25.70 21.53
N HIS D 361 13.68 -25.39 22.24
CA HIS D 361 13.61 -24.14 22.99
C HIS D 361 14.60 -24.05 24.15
N GLU D 362 14.91 -25.19 24.77
CA GLU D 362 15.97 -25.30 25.79
C GLU D 362 17.29 -24.81 25.19
N SER D 363 17.68 -25.50 24.12
CA SER D 363 18.94 -25.28 23.42
C SER D 363 19.11 -23.80 23.02
N LYS D 364 18.03 -23.17 22.53
CA LYS D 364 18.05 -21.72 22.22
C LYS D 364 18.32 -20.91 23.50
N LEU D 365 17.63 -21.29 24.57
CA LEU D 365 17.73 -20.63 25.86
C LEU D 365 19.10 -20.76 26.49
N ALA D 366 19.82 -21.82 26.12
CA ALA D 366 21.24 -21.95 26.48
C ALA D 366 22.08 -20.72 26.09
N ALA D 367 21.84 -20.15 24.90
CA ALA D 367 22.70 -19.05 24.41
C ALA D 367 22.47 -17.69 25.14
N LYS D 368 22.96 -17.61 26.37
CA LYS D 368 22.66 -16.48 27.28
C LYS D 368 23.07 -15.15 26.72
N GLU D 369 24.29 -15.06 26.21
CA GLU D 369 24.76 -13.81 25.63
C GLU D 369 23.76 -13.29 24.56
N TYR D 370 23.28 -14.22 23.71
CA TYR D 370 22.40 -13.92 22.58
C TYR D 370 21.04 -13.41 23.06
N GLN D 371 20.43 -14.18 23.95
CA GLN D 371 19.14 -13.82 24.50
C GLN D 371 19.19 -12.42 25.17
N ALA D 372 20.35 -12.07 25.75
CA ALA D 372 20.52 -10.75 26.41
C ALA D 372 20.58 -9.60 25.44
N ALA D 373 21.31 -9.78 24.33
CA ALA D 373 21.30 -8.79 23.23
C ALA D 373 19.89 -8.62 22.65
N LYS D 374 19.20 -9.73 22.46
CA LYS D 374 17.80 -9.74 22.00
C LYS D 374 16.91 -8.87 22.88
N ALA D 375 16.98 -9.12 24.19
CA ALA D 375 16.33 -8.28 25.17
C ALA D 375 16.69 -6.79 24.99
N ARG D 376 17.97 -6.45 24.83
CA ARG D 376 18.37 -5.03 24.57
C ARG D 376 17.69 -4.49 23.32
N LEU D 377 17.49 -5.37 22.32
CA LEU D 377 16.83 -5.03 21.05
C LEU D 377 15.33 -4.77 21.28
N PHE D 378 14.60 -5.78 21.76
CA PHE D 378 13.20 -5.59 22.15
C PHE D 378 13.01 -4.29 22.97
N THR D 379 13.94 -4.03 23.90
CA THR D 379 13.96 -2.83 24.76
C THR D 379 14.29 -1.54 23.97
N ALA D 380 15.27 -1.57 23.08
CA ALA D 380 15.62 -0.33 22.32
C ALA D 380 14.50 0.14 21.39
N PHE D 381 13.64 -0.80 20.93
CA PHE D 381 12.45 -0.46 20.12
C PHE D 381 11.42 0.22 21.00
N ILE D 382 11.10 -0.44 22.11
CA ILE D 382 10.10 0.06 23.04
C ILE D 382 10.49 1.45 23.56
N LYS D 383 11.73 1.59 24.05
CA LYS D 383 12.22 2.88 24.57
C LYS D 383 12.70 3.91 23.51
N ALA D 384 12.28 3.74 22.26
CA ALA D 384 12.09 4.85 21.31
C ALA D 384 10.66 4.84 20.76
N GLY D 385 9.75 4.18 21.48
CA GLY D 385 8.33 4.10 21.15
C GLY D 385 8.09 3.70 19.71
N LEU D 386 8.64 2.55 19.33
CA LEU D 386 8.46 2.03 17.99
C LEU D 386 7.78 0.67 18.02
N GLY D 387 7.26 0.24 19.18
CA GLY D 387 6.50 -1.01 19.26
C GLY D 387 7.22 -2.10 20.03
N ALA D 388 6.44 -3.06 20.51
CA ALA D 388 6.97 -4.27 21.11
C ALA D 388 7.04 -5.31 20.03
N TRP D 389 8.10 -6.12 20.05
CA TRP D 389 8.27 -7.23 19.12
C TRP D 389 7.16 -8.24 19.36
N VAL D 390 6.63 -8.83 18.29
CA VAL D 390 5.63 -9.89 18.38
C VAL D 390 6.38 -11.20 18.41
N GLU D 391 6.40 -11.87 19.55
CA GLU D 391 6.98 -13.21 19.62
C GLU D 391 5.90 -14.25 19.39
N LYS D 392 6.26 -15.36 18.74
CA LYS D 392 5.30 -16.45 18.47
C LYS D 392 4.87 -17.20 19.73
N PRO D 393 3.70 -17.86 19.70
CA PRO D 393 3.48 -18.95 20.65
C PRO D 393 4.69 -19.91 20.74
N THR D 394 5.14 -20.20 21.96
CA THR D 394 6.25 -21.13 22.16
C THR D 394 5.75 -22.56 22.29
N GLU D 395 5.12 -23.03 21.21
CA GLU D 395 4.89 -24.43 20.95
C GLU D 395 5.67 -24.89 19.71
N GLN D 396 6.02 -23.97 18.82
CA GLN D 396 6.87 -24.28 17.66
C GLN D 396 8.29 -24.70 18.03
N ASP D 397 8.77 -24.21 19.17
CA ASP D 397 10.07 -24.59 19.71
C ASP D 397 10.02 -25.70 20.79
N GLN D 398 8.81 -26.22 21.09
CA GLN D 398 8.60 -27.30 22.07
C GLN D 398 8.39 -28.63 21.33
N PHE D 399 9.44 -29.06 20.64
CA PHE D 399 9.51 -30.35 19.98
C PHE D 399 10.91 -30.90 20.25
N SER D 400 11.09 -32.17 19.92
CA SER D 400 12.41 -32.81 20.00
C SER D 400 12.66 -33.61 18.73
N LEU D 401 13.86 -34.19 18.64
CA LEU D 401 14.24 -35.09 17.53
C LEU D 401 13.60 -36.48 17.78
N THR D 402 14.31 -37.58 17.53
CA THR D 402 13.81 -38.97 17.73
C THR D 402 12.96 -39.43 16.55
C1 IHP E . -11.55 10.40 -1.43
C2 IHP E . -11.48 11.30 -0.22
C3 IHP E . -12.10 10.66 1.01
C4 IHP E . -11.27 9.39 1.33
C5 IHP E . -11.17 8.44 0.13
C6 IHP E . -10.68 9.15 -1.16
O11 IHP E . -11.15 11.13 -2.60
P1 IHP E . -11.68 10.93 -4.13
O21 IHP E . -10.54 10.24 -4.75
O31 IHP E . -12.90 10.04 -4.15
O41 IHP E . -12.01 12.36 -4.56
O12 IHP E . -10.12 11.62 0.03
P2 IHP E . -9.50 13.10 -0.16
O22 IHP E . -10.71 13.99 -0.25
O32 IHP E . -8.65 13.20 -1.39
O42 IHP E . -8.66 13.19 1.08
O13 IHP E . -12.13 11.67 2.03
P3 IHP E . -13.46 12.04 2.87
O23 IHP E . -14.67 11.48 2.18
O33 IHP E . -13.21 11.36 4.21
O43 IHP E . -13.47 13.55 2.99
O14 IHP E . -11.90 8.68 2.38
P4 IHP E . -11.34 8.44 3.87
O24 IHP E . -10.32 7.32 3.83
O34 IHP E . -10.84 9.76 4.28
O44 IHP E . -12.63 8.09 4.54
O15 IHP E . -10.20 7.50 0.47
P5 IHP E . -10.31 5.94 0.66
O25 IHP E . -11.76 5.49 0.64
O35 IHP E . -9.51 5.73 1.94
O45 IHP E . -9.56 5.45 -0.54
O16 IHP E . -10.77 8.34 -2.34
P6 IHP E . -9.55 7.68 -3.12
O26 IHP E . -9.06 8.84 -3.97
O36 IHP E . -8.51 7.16 -2.18
O46 IHP E . -10.24 6.57 -3.87
ZN ZN F . -15.21 5.71 -13.15
C1 IHP G . 13.18 -16.91 13.14
C2 IHP G . 14.13 -17.74 13.99
C3 IHP G . 14.40 -17.10 15.35
C4 IHP G . 13.09 -16.94 16.13
C5 IHP G . 11.99 -16.26 15.30
C6 IHP G . 11.84 -16.79 13.87
O11 IHP G . 12.96 -17.54 11.86
P1 IHP G . 12.98 -16.76 10.44
O21 IHP G . 11.73 -17.20 9.72
O31 IHP G . 12.98 -15.31 10.87
O41 IHP G . 14.22 -17.27 9.75
O12 IHP G . 13.51 -18.99 14.22
P2 IHP G . 14.19 -20.37 13.95
O22 IHP G . 15.66 -20.09 13.91
O32 IHP G . 13.57 -21.03 12.70
O42 IHP G . 13.73 -21.04 15.21
O13 IHP G . 15.29 -17.93 16.11
P3 IHP G . 16.77 -17.53 16.65
O23 IHP G . 17.04 -16.05 16.53
O33 IHP G . 16.67 -17.99 18.07
O43 IHP G . 17.74 -18.38 15.86
O14 IHP G . 13.34 -16.19 17.34
P4 IHP G . 13.03 -16.78 18.84
O24 IHP G . 12.08 -17.94 18.71
O34 IHP G . 14.34 -17.33 19.30
O44 IHP G . 12.55 -15.52 19.55
O15 IHP G . 10.77 -16.54 15.99
P5 IHP G . 9.99 -15.44 16.86
O25 IHP G . 10.84 -14.18 16.98
O35 IHP G . 9.75 -16.18 18.17
O45 IHP G . 8.78 -15.25 16.00
O16 IHP G . 11.00 -15.94 13.11
P6 IHP G . 9.59 -16.52 12.59
O26 IHP G . 9.80 -17.63 11.57
O36 IHP G . 8.92 -17.16 13.79
O46 IHP G . 9.05 -15.16 12.18
ZN ZN H . 9.47 -9.27 3.48
#